data_1DMC
# 
_entry.id   1DMC 
# 
_audit_conform.dict_name       mmcif_pdbx.dic 
_audit_conform.dict_version    5.392 
_audit_conform.dict_location   http://mmcif.pdb.org/dictionaries/ascii/mmcif_pdbx.dic 
# 
loop_
_database_2.database_id 
_database_2.database_code 
_database_2.pdbx_database_accession 
_database_2.pdbx_DOI 
PDB   1DMC         pdb_00001dmc 10.2210/pdb1dmc/pdb 
WWPDB D_1000172839 ?            ?                   
# 
loop_
_pdbx_audit_revision_history.ordinal 
_pdbx_audit_revision_history.data_content_type 
_pdbx_audit_revision_history.major_revision 
_pdbx_audit_revision_history.minor_revision 
_pdbx_audit_revision_history.revision_date 
1 'Structure model' 1 0 1995-02-07 
2 'Structure model' 1 1 2008-03-24 
3 'Structure model' 1 2 2011-07-13 
4 'Structure model' 1 3 2022-02-16 
5 'Structure model' 1 4 2024-05-22 
# 
_pdbx_audit_revision_details.ordinal             1 
_pdbx_audit_revision_details.revision_ordinal    1 
_pdbx_audit_revision_details.data_content_type   'Structure model' 
_pdbx_audit_revision_details.provider            repository 
_pdbx_audit_revision_details.type                'Initial release' 
_pdbx_audit_revision_details.description         ? 
_pdbx_audit_revision_details.details             ? 
# 
loop_
_pdbx_audit_revision_group.ordinal 
_pdbx_audit_revision_group.revision_ordinal 
_pdbx_audit_revision_group.data_content_type 
_pdbx_audit_revision_group.group 
1 2 'Structure model' 'Version format compliance' 
2 3 'Structure model' 'Version format compliance' 
3 4 'Structure model' 'Database references'       
4 4 'Structure model' 'Derived calculations'      
5 4 'Structure model' Other                       
6 5 'Structure model' 'Data collection'           
# 
loop_
_pdbx_audit_revision_category.ordinal 
_pdbx_audit_revision_category.revision_ordinal 
_pdbx_audit_revision_category.data_content_type 
_pdbx_audit_revision_category.category 
1 4 'Structure model' database_2             
2 4 'Structure model' pdbx_database_status   
3 4 'Structure model' pdbx_struct_assembly   
4 4 'Structure model' pdbx_struct_conn_angle 
5 4 'Structure model' pdbx_struct_oper_list  
6 4 'Structure model' struct_conn            
7 4 'Structure model' struct_site            
8 5 'Structure model' chem_comp_atom         
9 5 'Structure model' chem_comp_bond         
# 
loop_
_pdbx_audit_revision_item.ordinal 
_pdbx_audit_revision_item.revision_ordinal 
_pdbx_audit_revision_item.data_content_type 
_pdbx_audit_revision_item.item 
1  4 'Structure model' '_database_2.pdbx_DOI'                        
2  4 'Structure model' '_database_2.pdbx_database_accession'         
3  4 'Structure model' '_pdbx_database_status.process_site'          
4  4 'Structure model' '_pdbx_struct_conn_angle.ptnr1_auth_seq_id'   
5  4 'Structure model' '_pdbx_struct_conn_angle.ptnr1_label_seq_id'  
6  4 'Structure model' '_pdbx_struct_conn_angle.ptnr2_auth_seq_id'   
7  4 'Structure model' '_pdbx_struct_conn_angle.ptnr2_label_asym_id' 
8  4 'Structure model' '_pdbx_struct_conn_angle.ptnr3_auth_seq_id'   
9  4 'Structure model' '_pdbx_struct_conn_angle.ptnr3_label_seq_id'  
10 4 'Structure model' '_pdbx_struct_conn_angle.value'               
11 4 'Structure model' '_struct_conn.pdbx_dist_value'                
12 4 'Structure model' '_struct_conn.ptnr1_auth_comp_id'             
13 4 'Structure model' '_struct_conn.ptnr1_auth_seq_id'              
14 4 'Structure model' '_struct_conn.ptnr1_label_asym_id'            
15 4 'Structure model' '_struct_conn.ptnr1_label_atom_id'            
16 4 'Structure model' '_struct_conn.ptnr1_label_comp_id'            
17 4 'Structure model' '_struct_conn.ptnr1_label_seq_id'             
18 4 'Structure model' '_struct_conn.ptnr2_auth_comp_id'             
19 4 'Structure model' '_struct_conn.ptnr2_auth_seq_id'              
20 4 'Structure model' '_struct_conn.ptnr2_label_asym_id'            
21 4 'Structure model' '_struct_conn.ptnr2_label_atom_id'            
22 4 'Structure model' '_struct_conn.ptnr2_label_comp_id'            
23 4 'Structure model' '_struct_conn.ptnr2_label_seq_id'             
24 4 'Structure model' '_struct_site.pdbx_auth_asym_id'              
25 4 'Structure model' '_struct_site.pdbx_auth_comp_id'              
26 4 'Structure model' '_struct_site.pdbx_auth_seq_id'               
# 
_pdbx_database_status.status_code                     REL 
_pdbx_database_status.entry_id                        1DMC 
_pdbx_database_status.recvd_initial_deposition_date   1994-11-22 
_pdbx_database_status.deposit_site                    ? 
_pdbx_database_status.process_site                    BNL 
_pdbx_database_status.SG_entry                        . 
_pdbx_database_status.pdb_format_compatible           Y 
_pdbx_database_status.status_code_mr                  ? 
_pdbx_database_status.status_code_sf                  ? 
_pdbx_database_status.status_code_cs                  ? 
_pdbx_database_status.status_code_nmr_data            ? 
_pdbx_database_status.methods_development_category    ? 
# 
_pdbx_database_related.db_name        PDB 
_pdbx_database_related.db_id          1DMD 
_pdbx_database_related.details        . 
_pdbx_database_related.content_type   ensemble 
# 
loop_
_audit_author.name 
_audit_author.pdbx_ordinal 
'Narula, S.S.'   1 
'Brouwer, M.'    2 
'Hua, Y.'        3 
'Armitage, I.M.' 4 
# 
loop_
_citation.id 
_citation.title 
_citation.journal_abbrev 
_citation.journal_volume 
_citation.page_first 
_citation.page_last 
_citation.year 
_citation.journal_id_ASTM 
_citation.country 
_citation.journal_id_ISSN 
_citation.journal_id_CSD 
_citation.book_publisher 
_citation.pdbx_database_id_PubMed 
_citation.pdbx_database_id_DOI 
primary 
;Three-dimensional solution structure of Callinectes sapidus metallothionein-1 determined by homonuclear and heteronuclear magnetic resonance spectroscopy.
;
Biochemistry     34  620 631 1995 BICHAW US 0006-2960 0033 ? 7819257 10.1021/bi00002a029 
1       
;Establishment of Two Distinct Protein Domains in Blue Crab Callinectes Sapidus Metallothionein-I Through Heteronuclear (1H-113Cd) and Homonuclear (1H-1H) Correlation NMR Experiment
;
Magn.Reson.Chem. 31  96  ?   1993 MRCHEG UK 0749-1581 0731 ? ?       ?                   
2       
'Three-Dimensional Structure of Human [113Cd-7] Metallothionein-2 in Solution Determined by Nuclear Magnetic Resonance Spectroscopy' 
J.Mol.Biol.      214 765 ?   1990 JMOBAK UK 0022-2836 0070 ? ?       ?                   
# 
loop_
_citation_author.citation_id 
_citation_author.name 
_citation_author.ordinal 
_citation_author.identifier_ORCID 
primary 'Narula, S.S.'   1  ? 
primary 'Brouwer, M.'    2  ? 
primary 'Hua, Y.'        3  ? 
primary 'Armitage, I.M.' 4  ? 
1       'Narula, S.S.'   5  ? 
1       'Brouwer, M.'    6  ? 
1       'Armitage, I.M.' 7  ? 
2       'Messerle, B.A.' 8  ? 
2       'Schaeffer, A.'  9  ? 
2       'Vasak, M.'      10 ? 
2       'Kaegi, J.H.R.'  11 ? 
2       'Wuthrich, K.'   12 ? 
# 
loop_
_entity.id 
_entity.type 
_entity.src_method 
_entity.pdbx_description 
_entity.formula_weight 
_entity.pdbx_number_of_molecules 
_entity.pdbx_ec 
_entity.pdbx_mutation 
_entity.pdbx_fragment 
_entity.details 
1 polymer     man 'CD6 METALLOTHIONEIN-1' 3279.936 1 ? ? ? ? 
2 non-polymer syn 'CADMIUM ION'           112.411  3 ? ? ? ? 
# 
_entity_poly.entity_id                      1 
_entity_poly.type                           'polypeptide(L)' 
_entity_poly.nstd_linkage                   no 
_entity_poly.nstd_monomer                   no 
_entity_poly.pdbx_seq_one_letter_code       SPCQKCTSGCKCATKEECSKTCTKPCSCCPK 
_entity_poly.pdbx_seq_one_letter_code_can   SPCQKCTSGCKCATKEECSKTCTKPCSCCPK 
_entity_poly.pdbx_strand_id                 A 
_entity_poly.pdbx_target_identifier         ? 
# 
_pdbx_entity_nonpoly.entity_id   2 
_pdbx_entity_nonpoly.name        'CADMIUM ION' 
_pdbx_entity_nonpoly.comp_id     CD 
# 
loop_
_entity_poly_seq.entity_id 
_entity_poly_seq.num 
_entity_poly_seq.mon_id 
_entity_poly_seq.hetero 
1 1  SER n 
1 2  PRO n 
1 3  CYS n 
1 4  GLN n 
1 5  LYS n 
1 6  CYS n 
1 7  THR n 
1 8  SER n 
1 9  GLY n 
1 10 CYS n 
1 11 LYS n 
1 12 CYS n 
1 13 ALA n 
1 14 THR n 
1 15 LYS n 
1 16 GLU n 
1 17 GLU n 
1 18 CYS n 
1 19 SER n 
1 20 LYS n 
1 21 THR n 
1 22 CYS n 
1 23 THR n 
1 24 LYS n 
1 25 PRO n 
1 26 CYS n 
1 27 SER n 
1 28 CYS n 
1 29 CYS n 
1 30 PRO n 
1 31 LYS n 
# 
_entity_src_gen.entity_id                          1 
_entity_src_gen.pdbx_src_id                        1 
_entity_src_gen.pdbx_alt_source_flag               sample 
_entity_src_gen.pdbx_seq_type                      ? 
_entity_src_gen.pdbx_beg_seq_num                   ? 
_entity_src_gen.pdbx_end_seq_num                   ? 
_entity_src_gen.gene_src_common_name               'blue crab' 
_entity_src_gen.gene_src_genus                     Callinectes 
_entity_src_gen.pdbx_gene_src_gene                 ? 
_entity_src_gen.gene_src_species                   ? 
_entity_src_gen.gene_src_strain                    ? 
_entity_src_gen.gene_src_tissue                    ? 
_entity_src_gen.gene_src_tissue_fraction           ? 
_entity_src_gen.gene_src_details                   ? 
_entity_src_gen.pdbx_gene_src_fragment             ? 
_entity_src_gen.pdbx_gene_src_scientific_name      'Callinectes sapidus' 
_entity_src_gen.pdbx_gene_src_ncbi_taxonomy_id     6763 
_entity_src_gen.pdbx_gene_src_variant              ? 
_entity_src_gen.pdbx_gene_src_cell_line            ? 
_entity_src_gen.pdbx_gene_src_atcc                 ? 
_entity_src_gen.pdbx_gene_src_organ                ? 
_entity_src_gen.pdbx_gene_src_organelle            ? 
_entity_src_gen.pdbx_gene_src_cell                 ? 
_entity_src_gen.pdbx_gene_src_cellular_location    ? 
_entity_src_gen.host_org_common_name               ? 
_entity_src_gen.pdbx_host_org_scientific_name      ? 
_entity_src_gen.pdbx_host_org_ncbi_taxonomy_id     ? 
_entity_src_gen.host_org_genus                     ? 
_entity_src_gen.pdbx_host_org_gene                 ? 
_entity_src_gen.pdbx_host_org_organ                ? 
_entity_src_gen.host_org_species                   ? 
_entity_src_gen.pdbx_host_org_tissue               ? 
_entity_src_gen.pdbx_host_org_tissue_fraction      ? 
_entity_src_gen.pdbx_host_org_strain               ? 
_entity_src_gen.pdbx_host_org_variant              ? 
_entity_src_gen.pdbx_host_org_cell_line            ? 
_entity_src_gen.pdbx_host_org_atcc                 ? 
_entity_src_gen.pdbx_host_org_culture_collection   ? 
_entity_src_gen.pdbx_host_org_cell                 ? 
_entity_src_gen.pdbx_host_org_organelle            ? 
_entity_src_gen.pdbx_host_org_cellular_location    ? 
_entity_src_gen.pdbx_host_org_vector_type          ? 
_entity_src_gen.pdbx_host_org_vector               ? 
_entity_src_gen.host_org_details                   ? 
_entity_src_gen.expression_system_id               ? 
_entity_src_gen.plasmid_name                       ? 
_entity_src_gen.plasmid_details                    ? 
_entity_src_gen.pdbx_description                   ? 
# 
loop_
_chem_comp.id 
_chem_comp.type 
_chem_comp.mon_nstd_flag 
_chem_comp.name 
_chem_comp.pdbx_synonyms 
_chem_comp.formula 
_chem_comp.formula_weight 
ALA 'L-peptide linking' y ALANINE         ? 'C3 H7 N O2'     89.093  
CD  non-polymer         . 'CADMIUM ION'   ? 'Cd 2'           112.411 
CYS 'L-peptide linking' y CYSTEINE        ? 'C3 H7 N O2 S'   121.158 
GLN 'L-peptide linking' y GLUTAMINE       ? 'C5 H10 N2 O3'   146.144 
GLU 'L-peptide linking' y 'GLUTAMIC ACID' ? 'C5 H9 N O4'     147.129 
GLY 'peptide linking'   y GLYCINE         ? 'C2 H5 N O2'     75.067  
LYS 'L-peptide linking' y LYSINE          ? 'C6 H15 N2 O2 1' 147.195 
PRO 'L-peptide linking' y PROLINE         ? 'C5 H9 N O2'     115.130 
SER 'L-peptide linking' y SERINE          ? 'C3 H7 N O3'     105.093 
THR 'L-peptide linking' y THREONINE       ? 'C4 H9 N O3'     119.119 
# 
loop_
_pdbx_poly_seq_scheme.asym_id 
_pdbx_poly_seq_scheme.entity_id 
_pdbx_poly_seq_scheme.seq_id 
_pdbx_poly_seq_scheme.mon_id 
_pdbx_poly_seq_scheme.ndb_seq_num 
_pdbx_poly_seq_scheme.pdb_seq_num 
_pdbx_poly_seq_scheme.auth_seq_num 
_pdbx_poly_seq_scheme.pdb_mon_id 
_pdbx_poly_seq_scheme.auth_mon_id 
_pdbx_poly_seq_scheme.pdb_strand_id 
_pdbx_poly_seq_scheme.pdb_ins_code 
_pdbx_poly_seq_scheme.hetero 
A 1 1  SER 1  1  1  SER SER A . n 
A 1 2  PRO 2  2  2  PRO PRO A . n 
A 1 3  CYS 3  3  3  CYS CYS A . n 
A 1 4  GLN 4  4  4  GLN GLN A . n 
A 1 5  LYS 5  5  5  LYS LYS A . n 
A 1 6  CYS 6  6  6  CYS CYS A . n 
A 1 7  THR 7  7  7  THR THR A . n 
A 1 8  SER 8  8  8  SER SER A . n 
A 1 9  GLY 9  9  9  GLY GLY A . n 
A 1 10 CYS 10 10 10 CYS CYS A . n 
A 1 11 LYS 11 11 11 LYS LYS A . n 
A 1 12 CYS 12 12 12 CYS CYS A . n 
A 1 13 ALA 13 13 13 ALA ALA A . n 
A 1 14 THR 14 14 14 THR THR A . n 
A 1 15 LYS 15 15 15 LYS LYS A . n 
A 1 16 GLU 16 16 16 GLU GLU A . n 
A 1 17 GLU 17 17 17 GLU GLU A . n 
A 1 18 CYS 18 18 18 CYS CYS A . n 
A 1 19 SER 19 19 19 SER SER A . n 
A 1 20 LYS 20 20 20 LYS LYS A . n 
A 1 21 THR 21 21 21 THR THR A . n 
A 1 22 CYS 22 22 22 CYS CYS A . n 
A 1 23 THR 23 23 23 THR THR A . n 
A 1 24 LYS 24 24 24 LYS LYS A . n 
A 1 25 PRO 25 25 25 PRO PRO A . n 
A 1 26 CYS 26 26 26 CYS CYS A . n 
A 1 27 SER 27 27 27 SER SER A . n 
A 1 28 CYS 28 28 28 CYS CYS A . n 
A 1 29 CYS 29 29 29 CYS CYS A . n 
A 1 30 PRO 30 30 30 PRO PRO A . n 
A 1 31 LYS 31 31 31 LYS LYS A . n 
# 
loop_
_pdbx_nonpoly_scheme.asym_id 
_pdbx_nonpoly_scheme.entity_id 
_pdbx_nonpoly_scheme.mon_id 
_pdbx_nonpoly_scheme.ndb_seq_num 
_pdbx_nonpoly_scheme.pdb_seq_num 
_pdbx_nonpoly_scheme.auth_seq_num 
_pdbx_nonpoly_scheme.pdb_mon_id 
_pdbx_nonpoly_scheme.auth_mon_id 
_pdbx_nonpoly_scheme.pdb_strand_id 
_pdbx_nonpoly_scheme.pdb_ins_code 
B 2 CD 1 101 101 CD CD A . 
C 2 CD 1 102 102 CD CD A . 
D 2 CD 1 106 106 CD CD A . 
# 
_cell.entry_id           1DMC 
_cell.length_a           1.000 
_cell.length_b           1.000 
_cell.length_c           1.000 
_cell.angle_alpha        90.00 
_cell.angle_beta         90.00 
_cell.angle_gamma        90.00 
_cell.Z_PDB              1 
_cell.pdbx_unique_axis   ? 
# 
_symmetry.entry_id                         1DMC 
_symmetry.space_group_name_H-M             'P 1' 
_symmetry.pdbx_full_space_group_name_H-M   ? 
_symmetry.cell_setting                     ? 
_symmetry.Int_Tables_number                1 
# 
_exptl.entry_id          1DMC 
_exptl.method            'SOLUTION NMR' 
_exptl.crystals_number   ? 
# 
_struct.entry_id                  1DMC 
_struct.title                     
;THE THREE-DIMENSIONAL SOLUTION STRUCTURE OF CALLINECTES SAPIDUS METALLOTHIONEIN-I DETERMINED BY HOMONUCLEAR AND HETERONUCLEAR MAGNETIC RESONANCE SPECTROSCOPY
;
_struct.pdbx_model_details        ? 
_struct.pdbx_CASP_flag            ? 
_struct.pdbx_model_type_details   ? 
# 
_struct_keywords.entry_id        1DMC 
_struct_keywords.pdbx_keywords   METALLOTHIONEIN 
_struct_keywords.text            METALLOTHIONEIN 
# 
loop_
_struct_asym.id 
_struct_asym.pdbx_blank_PDB_chainid_flag 
_struct_asym.pdbx_modified 
_struct_asym.entity_id 
_struct_asym.details 
A Y N 1 ? 
B N N 2 ? 
C N N 2 ? 
D N N 2 ? 
# 
_struct_ref.id                         1 
_struct_ref.db_name                    UNP 
_struct_ref.db_code                    MT1_CALSI 
_struct_ref.entity_id                  1 
_struct_ref.pdbx_db_accession          P55949 
_struct_ref.pdbx_align_begin           1 
_struct_ref.pdbx_seq_one_letter_code   MPGPCCNDKCVCQEGGCKAGCQCTSCRCSPCQKCTSGCKCATKEECSKTCTKPCSCCPK 
_struct_ref.pdbx_db_isoform            ? 
# 
_struct_ref_seq.align_id                      1 
_struct_ref_seq.ref_id                        1 
_struct_ref_seq.pdbx_PDB_id_code              1DMC 
_struct_ref_seq.pdbx_strand_id                A 
_struct_ref_seq.seq_align_beg                 1 
_struct_ref_seq.pdbx_seq_align_beg_ins_code   ? 
_struct_ref_seq.seq_align_end                 31 
_struct_ref_seq.pdbx_seq_align_end_ins_code   ? 
_struct_ref_seq.pdbx_db_accession             P55949 
_struct_ref_seq.db_align_beg                  29 
_struct_ref_seq.pdbx_db_align_beg_ins_code    ? 
_struct_ref_seq.db_align_end                  59 
_struct_ref_seq.pdbx_db_align_end_ins_code    ? 
_struct_ref_seq.pdbx_auth_seq_align_beg       1 
_struct_ref_seq.pdbx_auth_seq_align_end       31 
# 
_pdbx_struct_assembly.id                   1 
_pdbx_struct_assembly.details              author_defined_assembly 
_pdbx_struct_assembly.method_details       ? 
_pdbx_struct_assembly.oligomeric_details   monomeric 
_pdbx_struct_assembly.oligomeric_count     1 
# 
_pdbx_struct_assembly_gen.assembly_id       1 
_pdbx_struct_assembly_gen.oper_expression   1 
_pdbx_struct_assembly_gen.asym_id_list      A,B,C,D 
# 
_pdbx_struct_oper_list.id                   1 
_pdbx_struct_oper_list.type                 'identity operation' 
_pdbx_struct_oper_list.name                 1_555 
_pdbx_struct_oper_list.symmetry_operation   x,y,z 
_pdbx_struct_oper_list.matrix[1][1]         1.0000000000 
_pdbx_struct_oper_list.matrix[1][2]         0.0000000000 
_pdbx_struct_oper_list.matrix[1][3]         0.0000000000 
_pdbx_struct_oper_list.vector[1]            0.0000000000 
_pdbx_struct_oper_list.matrix[2][1]         0.0000000000 
_pdbx_struct_oper_list.matrix[2][2]         1.0000000000 
_pdbx_struct_oper_list.matrix[2][3]         0.0000000000 
_pdbx_struct_oper_list.vector[2]            0.0000000000 
_pdbx_struct_oper_list.matrix[3][1]         0.0000000000 
_pdbx_struct_oper_list.matrix[3][2]         0.0000000000 
_pdbx_struct_oper_list.matrix[3][3]         1.0000000000 
_pdbx_struct_oper_list.vector[3]            0.0000000000 
# 
_struct_biol.id   1 
# 
_struct_conf.conf_type_id            HELX_P 
_struct_conf.id                      HELX_P1 
_struct_conf.pdbx_PDB_helix_id       1 
_struct_conf.beg_label_comp_id       THR 
_struct_conf.beg_label_asym_id       A 
_struct_conf.beg_label_seq_id        14 
_struct_conf.pdbx_beg_PDB_ins_code   ? 
_struct_conf.end_label_comp_id       CYS 
_struct_conf.end_label_asym_id       A 
_struct_conf.end_label_seq_id        22 
_struct_conf.pdbx_end_PDB_ins_code   ? 
_struct_conf.beg_auth_comp_id        THR 
_struct_conf.beg_auth_asym_id        A 
_struct_conf.beg_auth_seq_id         14 
_struct_conf.end_auth_comp_id        CYS 
_struct_conf.end_auth_asym_id        A 
_struct_conf.end_auth_seq_id         22 
_struct_conf.pdbx_PDB_helix_class    1 
_struct_conf.details                 ? 
_struct_conf.pdbx_PDB_helix_length   9 
# 
_struct_conf_type.id          HELX_P 
_struct_conf_type.criteria    ? 
_struct_conf_type.reference   ? 
# 
loop_
_struct_conn.id 
_struct_conn.conn_type_id 
_struct_conn.pdbx_leaving_atom_flag 
_struct_conn.pdbx_PDB_id 
_struct_conn.ptnr1_label_asym_id 
_struct_conn.ptnr1_label_comp_id 
_struct_conn.ptnr1_label_seq_id 
_struct_conn.ptnr1_label_atom_id 
_struct_conn.pdbx_ptnr1_label_alt_id 
_struct_conn.pdbx_ptnr1_PDB_ins_code 
_struct_conn.pdbx_ptnr1_standard_comp_id 
_struct_conn.ptnr1_symmetry 
_struct_conn.ptnr2_label_asym_id 
_struct_conn.ptnr2_label_comp_id 
_struct_conn.ptnr2_label_seq_id 
_struct_conn.ptnr2_label_atom_id 
_struct_conn.pdbx_ptnr2_label_alt_id 
_struct_conn.pdbx_ptnr2_PDB_ins_code 
_struct_conn.ptnr1_auth_asym_id 
_struct_conn.ptnr1_auth_comp_id 
_struct_conn.ptnr1_auth_seq_id 
_struct_conn.ptnr2_auth_asym_id 
_struct_conn.ptnr2_auth_comp_id 
_struct_conn.ptnr2_auth_seq_id 
_struct_conn.ptnr2_symmetry 
_struct_conn.pdbx_ptnr3_label_atom_id 
_struct_conn.pdbx_ptnr3_label_seq_id 
_struct_conn.pdbx_ptnr3_label_comp_id 
_struct_conn.pdbx_ptnr3_label_asym_id 
_struct_conn.pdbx_ptnr3_label_alt_id 
_struct_conn.pdbx_ptnr3_PDB_ins_code 
_struct_conn.details 
_struct_conn.pdbx_dist_value 
_struct_conn.pdbx_value_order 
_struct_conn.pdbx_role 
metalc1  metalc ? ? A CYS 3  SG ? ? ? 1_555 D CD . CD ? ? A CYS 3  A CD 106 1_555 ? ? ? ? ? ? ? 2.602 ? ? 
metalc2  metalc ? ? A CYS 6  SG ? ? ? 1_555 C CD . CD ? ? A CYS 6  A CD 102 1_555 ? ? ? ? ? ? ? 2.535 ? ? 
metalc3  metalc ? ? A CYS 6  SG ? ? ? 1_555 D CD . CD ? ? A CYS 6  A CD 106 1_555 ? ? ? ? ? ? ? 2.555 ? ? 
metalc4  metalc ? ? A CYS 10 SG ? ? ? 1_555 C CD . CD ? ? A CYS 10 A CD 102 1_555 ? ? ? ? ? ? ? 2.549 ? ? 
metalc5  metalc ? ? A CYS 12 SG ? ? ? 1_555 B CD . CD ? ? A CYS 12 A CD 101 1_555 ? ? ? ? ? ? ? 2.536 ? ? 
metalc6  metalc ? ? A CYS 18 SG ? ? ? 1_555 B CD . CD ? ? A CYS 18 A CD 101 1_555 ? ? ? ? ? ? ? 2.554 ? ? 
metalc7  metalc ? ? A CYS 22 SG ? ? ? 1_555 B CD . CD ? ? A CYS 22 A CD 101 1_555 ? ? ? ? ? ? ? 2.556 ? ? 
metalc8  metalc ? ? A CYS 22 SG ? ? ? 1_555 D CD . CD ? ? A CYS 22 A CD 106 1_555 ? ? ? ? ? ? ? 2.543 ? ? 
metalc9  metalc ? ? A CYS 26 SG ? ? ? 1_555 D CD . CD ? ? A CYS 26 A CD 106 1_555 ? ? ? ? ? ? ? 2.588 ? ? 
metalc10 metalc ? ? A CYS 28 SG ? ? ? 1_555 C CD . CD ? ? A CYS 28 A CD 102 1_555 ? ? ? ? ? ? ? 2.554 ? ? 
metalc11 metalc ? ? A CYS 29 SG ? ? ? 1_555 B CD . CD ? ? A CYS 29 A CD 101 1_555 ? ? ? ? ? ? ? 2.547 ? ? 
metalc12 metalc ? ? A CYS 29 SG ? ? ? 1_555 C CD . CD ? ? A CYS 29 A CD 102 1_555 ? ? ? ? ? ? ? 2.542 ? ? 
# 
_struct_conn_type.id          metalc 
_struct_conn_type.criteria    ? 
_struct_conn_type.reference   ? 
# 
loop_
_pdbx_struct_conn_angle.id 
_pdbx_struct_conn_angle.ptnr1_label_atom_id 
_pdbx_struct_conn_angle.ptnr1_label_alt_id 
_pdbx_struct_conn_angle.ptnr1_label_asym_id 
_pdbx_struct_conn_angle.ptnr1_label_comp_id 
_pdbx_struct_conn_angle.ptnr1_label_seq_id 
_pdbx_struct_conn_angle.ptnr1_auth_atom_id 
_pdbx_struct_conn_angle.ptnr1_auth_asym_id 
_pdbx_struct_conn_angle.ptnr1_auth_comp_id 
_pdbx_struct_conn_angle.ptnr1_auth_seq_id 
_pdbx_struct_conn_angle.ptnr1_PDB_ins_code 
_pdbx_struct_conn_angle.ptnr1_symmetry 
_pdbx_struct_conn_angle.ptnr2_label_atom_id 
_pdbx_struct_conn_angle.ptnr2_label_alt_id 
_pdbx_struct_conn_angle.ptnr2_label_asym_id 
_pdbx_struct_conn_angle.ptnr2_label_comp_id 
_pdbx_struct_conn_angle.ptnr2_label_seq_id 
_pdbx_struct_conn_angle.ptnr2_auth_atom_id 
_pdbx_struct_conn_angle.ptnr2_auth_asym_id 
_pdbx_struct_conn_angle.ptnr2_auth_comp_id 
_pdbx_struct_conn_angle.ptnr2_auth_seq_id 
_pdbx_struct_conn_angle.ptnr2_PDB_ins_code 
_pdbx_struct_conn_angle.ptnr2_symmetry 
_pdbx_struct_conn_angle.ptnr3_label_atom_id 
_pdbx_struct_conn_angle.ptnr3_label_alt_id 
_pdbx_struct_conn_angle.ptnr3_label_asym_id 
_pdbx_struct_conn_angle.ptnr3_label_comp_id 
_pdbx_struct_conn_angle.ptnr3_label_seq_id 
_pdbx_struct_conn_angle.ptnr3_auth_atom_id 
_pdbx_struct_conn_angle.ptnr3_auth_asym_id 
_pdbx_struct_conn_angle.ptnr3_auth_comp_id 
_pdbx_struct_conn_angle.ptnr3_auth_seq_id 
_pdbx_struct_conn_angle.ptnr3_PDB_ins_code 
_pdbx_struct_conn_angle.ptnr3_symmetry 
_pdbx_struct_conn_angle.value 
_pdbx_struct_conn_angle.value_esd 
1  SG ? A CYS 3  ? A CYS 3  ? 1_555 CD ? D CD . ? A CD 106 ? 1_555 SG ? A CYS 6  ? A CYS 6  ? 1_555 94.4  ? 
2  SG ? A CYS 3  ? A CYS 3  ? 1_555 CD ? D CD . ? A CD 106 ? 1_555 SG ? A CYS 22 ? A CYS 22 ? 1_555 106.4 ? 
3  SG ? A CYS 6  ? A CYS 6  ? 1_555 CD ? D CD . ? A CD 106 ? 1_555 SG ? A CYS 22 ? A CYS 22 ? 1_555 108.5 ? 
4  SG ? A CYS 3  ? A CYS 3  ? 1_555 CD ? D CD . ? A CD 106 ? 1_555 SG ? A CYS 26 ? A CYS 26 ? 1_555 116.3 ? 
5  SG ? A CYS 6  ? A CYS 6  ? 1_555 CD ? D CD . ? A CD 106 ? 1_555 SG ? A CYS 26 ? A CYS 26 ? 1_555 120.3 ? 
6  SG ? A CYS 22 ? A CYS 22 ? 1_555 CD ? D CD . ? A CD 106 ? 1_555 SG ? A CYS 26 ? A CYS 26 ? 1_555 109.5 ? 
7  SG ? A CYS 6  ? A CYS 6  ? 1_555 CD ? C CD . ? A CD 102 ? 1_555 SG ? A CYS 10 ? A CYS 10 ? 1_555 108.2 ? 
8  SG ? A CYS 6  ? A CYS 6  ? 1_555 CD ? C CD . ? A CD 102 ? 1_555 SG ? A CYS 28 ? A CYS 28 ? 1_555 105.1 ? 
9  SG ? A CYS 10 ? A CYS 10 ? 1_555 CD ? C CD . ? A CD 102 ? 1_555 SG ? A CYS 28 ? A CYS 28 ? 1_555 104.8 ? 
10 SG ? A CYS 6  ? A CYS 6  ? 1_555 CD ? C CD . ? A CD 102 ? 1_555 SG ? A CYS 29 ? A CYS 29 ? 1_555 112.7 ? 
11 SG ? A CYS 10 ? A CYS 10 ? 1_555 CD ? C CD . ? A CD 102 ? 1_555 SG ? A CYS 29 ? A CYS 29 ? 1_555 113.1 ? 
12 SG ? A CYS 28 ? A CYS 28 ? 1_555 CD ? C CD . ? A CD 102 ? 1_555 SG ? A CYS 29 ? A CYS 29 ? 1_555 112.4 ? 
13 SG ? A CYS 12 ? A CYS 12 ? 1_555 CD ? B CD . ? A CD 101 ? 1_555 SG ? A CYS 18 ? A CYS 18 ? 1_555 109.4 ? 
14 SG ? A CYS 12 ? A CYS 12 ? 1_555 CD ? B CD . ? A CD 101 ? 1_555 SG ? A CYS 22 ? A CYS 22 ? 1_555 107.3 ? 
15 SG ? A CYS 18 ? A CYS 18 ? 1_555 CD ? B CD . ? A CD 101 ? 1_555 SG ? A CYS 22 ? A CYS 22 ? 1_555 108.9 ? 
16 SG ? A CYS 12 ? A CYS 12 ? 1_555 CD ? B CD . ? A CD 101 ? 1_555 SG ? A CYS 29 ? A CYS 29 ? 1_555 114.0 ? 
17 SG ? A CYS 18 ? A CYS 18 ? 1_555 CD ? B CD . ? A CD 101 ? 1_555 SG ? A CYS 29 ? A CYS 29 ? 1_555 96.1  ? 
18 SG ? A CYS 22 ? A CYS 22 ? 1_555 CD ? B CD . ? A CD 101 ? 1_555 SG ? A CYS 29 ? A CYS 29 ? 1_555 120.3 ? 
# 
loop_
_struct_site.id 
_struct_site.pdbx_evidence_code 
_struct_site.pdbx_auth_asym_id 
_struct_site.pdbx_auth_comp_id 
_struct_site.pdbx_auth_seq_id 
_struct_site.pdbx_auth_ins_code 
_struct_site.pdbx_num_residues 
_struct_site.details 
AC1 Software A CD 101 ? 6 'BINDING SITE FOR RESIDUE CD A 101' 
AC2 Software A CD 102 ? 5 'BINDING SITE FOR RESIDUE CD A 102' 
AC3 Software A CD 106 ? 5 'BINDING SITE FOR RESIDUE CD A 106' 
# 
loop_
_struct_site_gen.id 
_struct_site_gen.site_id 
_struct_site_gen.pdbx_num_res 
_struct_site_gen.label_comp_id 
_struct_site_gen.label_asym_id 
_struct_site_gen.label_seq_id 
_struct_site_gen.pdbx_auth_ins_code 
_struct_site_gen.auth_comp_id 
_struct_site_gen.auth_asym_id 
_struct_site_gen.auth_seq_id 
_struct_site_gen.label_atom_id 
_struct_site_gen.label_alt_id 
_struct_site_gen.symmetry 
_struct_site_gen.details 
1  AC1 6 CYS A 12 ? CYS A 12  . ? 1_555 ? 
2  AC1 6 CYS A 18 ? CYS A 18  . ? 1_555 ? 
3  AC1 6 CYS A 22 ? CYS A 22  . ? 1_555 ? 
4  AC1 6 CYS A 29 ? CYS A 29  . ? 1_555 ? 
5  AC1 6 CD  C .  ? CD  A 102 . ? 1_555 ? 
6  AC1 6 CD  D .  ? CD  A 106 . ? 1_555 ? 
7  AC2 5 CYS A 6  ? CYS A 6   . ? 1_555 ? 
8  AC2 5 CYS A 10 ? CYS A 10  . ? 1_555 ? 
9  AC2 5 CYS A 28 ? CYS A 28  . ? 1_555 ? 
10 AC2 5 CYS A 29 ? CYS A 29  . ? 1_555 ? 
11 AC2 5 CD  B .  ? CD  A 101 . ? 1_555 ? 
12 AC3 5 CYS A 3  ? CYS A 3   . ? 1_555 ? 
13 AC3 5 CYS A 6  ? CYS A 6   . ? 1_555 ? 
14 AC3 5 CYS A 22 ? CYS A 22  . ? 1_555 ? 
15 AC3 5 CYS A 26 ? CYS A 26  . ? 1_555 ? 
16 AC3 5 CD  B .  ? CD  A 101 . ? 1_555 ? 
# 
loop_
_pdbx_validate_torsion.id 
_pdbx_validate_torsion.PDB_model_num 
_pdbx_validate_torsion.auth_comp_id 
_pdbx_validate_torsion.auth_asym_id 
_pdbx_validate_torsion.auth_seq_id 
_pdbx_validate_torsion.PDB_ins_code 
_pdbx_validate_torsion.label_alt_id 
_pdbx_validate_torsion.phi 
_pdbx_validate_torsion.psi 
1 1 CYS A 3  ? ? -66.70  -166.38 
2 1 LYS A 5  ? ? -149.01 13.77   
3 1 THR A 7  ? ? -49.47  -88.94  
4 1 CYS A 26 ? ? -51.09  -163.70 
5 1 CYS A 28 ? ? -150.81 -24.52  
6 1 CYS A 29 ? ? -61.83  -154.56 
# 
_pdbx_nmr_ensemble.entry_id                             1DMC 
_pdbx_nmr_ensemble.conformers_calculated_total_number   ? 
_pdbx_nmr_ensemble.conformers_submitted_total_number    1 
_pdbx_nmr_ensemble.conformer_selection_criteria         ? 
# 
_pdbx_nmr_software.classification   refinement 
_pdbx_nmr_software.name             X-PLOR 
_pdbx_nmr_software.version          ? 
_pdbx_nmr_software.authors          BRUNGER 
_pdbx_nmr_software.ordinal          1 
# 
loop_
_chem_comp_atom.comp_id 
_chem_comp_atom.atom_id 
_chem_comp_atom.type_symbol 
_chem_comp_atom.pdbx_aromatic_flag 
_chem_comp_atom.pdbx_stereo_config 
_chem_comp_atom.pdbx_ordinal 
ALA N    N  N N 1   
ALA CA   C  N S 2   
ALA C    C  N N 3   
ALA O    O  N N 4   
ALA CB   C  N N 5   
ALA OXT  O  N N 6   
ALA H    H  N N 7   
ALA H2   H  N N 8   
ALA HA   H  N N 9   
ALA HB1  H  N N 10  
ALA HB2  H  N N 11  
ALA HB3  H  N N 12  
ALA HXT  H  N N 13  
CD  CD   CD N N 14  
CYS N    N  N N 15  
CYS CA   C  N R 16  
CYS C    C  N N 17  
CYS O    O  N N 18  
CYS CB   C  N N 19  
CYS SG   S  N N 20  
CYS OXT  O  N N 21  
CYS H    H  N N 22  
CYS H2   H  N N 23  
CYS HA   H  N N 24  
CYS HB2  H  N N 25  
CYS HB3  H  N N 26  
CYS HG   H  N N 27  
CYS HXT  H  N N 28  
GLN N    N  N N 29  
GLN CA   C  N S 30  
GLN C    C  N N 31  
GLN O    O  N N 32  
GLN CB   C  N N 33  
GLN CG   C  N N 34  
GLN CD   C  N N 35  
GLN OE1  O  N N 36  
GLN NE2  N  N N 37  
GLN OXT  O  N N 38  
GLN H    H  N N 39  
GLN H2   H  N N 40  
GLN HA   H  N N 41  
GLN HB2  H  N N 42  
GLN HB3  H  N N 43  
GLN HG2  H  N N 44  
GLN HG3  H  N N 45  
GLN HE21 H  N N 46  
GLN HE22 H  N N 47  
GLN HXT  H  N N 48  
GLU N    N  N N 49  
GLU CA   C  N S 50  
GLU C    C  N N 51  
GLU O    O  N N 52  
GLU CB   C  N N 53  
GLU CG   C  N N 54  
GLU CD   C  N N 55  
GLU OE1  O  N N 56  
GLU OE2  O  N N 57  
GLU OXT  O  N N 58  
GLU H    H  N N 59  
GLU H2   H  N N 60  
GLU HA   H  N N 61  
GLU HB2  H  N N 62  
GLU HB3  H  N N 63  
GLU HG2  H  N N 64  
GLU HG3  H  N N 65  
GLU HE2  H  N N 66  
GLU HXT  H  N N 67  
GLY N    N  N N 68  
GLY CA   C  N N 69  
GLY C    C  N N 70  
GLY O    O  N N 71  
GLY OXT  O  N N 72  
GLY H    H  N N 73  
GLY H2   H  N N 74  
GLY HA2  H  N N 75  
GLY HA3  H  N N 76  
GLY HXT  H  N N 77  
LYS N    N  N N 78  
LYS CA   C  N S 79  
LYS C    C  N N 80  
LYS O    O  N N 81  
LYS CB   C  N N 82  
LYS CG   C  N N 83  
LYS CD   C  N N 84  
LYS CE   C  N N 85  
LYS NZ   N  N N 86  
LYS OXT  O  N N 87  
LYS H    H  N N 88  
LYS H2   H  N N 89  
LYS HA   H  N N 90  
LYS HB2  H  N N 91  
LYS HB3  H  N N 92  
LYS HG2  H  N N 93  
LYS HG3  H  N N 94  
LYS HD2  H  N N 95  
LYS HD3  H  N N 96  
LYS HE2  H  N N 97  
LYS HE3  H  N N 98  
LYS HZ1  H  N N 99  
LYS HZ2  H  N N 100 
LYS HZ3  H  N N 101 
LYS HXT  H  N N 102 
PRO N    N  N N 103 
PRO CA   C  N S 104 
PRO C    C  N N 105 
PRO O    O  N N 106 
PRO CB   C  N N 107 
PRO CG   C  N N 108 
PRO CD   C  N N 109 
PRO OXT  O  N N 110 
PRO H    H  N N 111 
PRO HA   H  N N 112 
PRO HB2  H  N N 113 
PRO HB3  H  N N 114 
PRO HG2  H  N N 115 
PRO HG3  H  N N 116 
PRO HD2  H  N N 117 
PRO HD3  H  N N 118 
PRO HXT  H  N N 119 
SER N    N  N N 120 
SER CA   C  N S 121 
SER C    C  N N 122 
SER O    O  N N 123 
SER CB   C  N N 124 
SER OG   O  N N 125 
SER OXT  O  N N 126 
SER H    H  N N 127 
SER H2   H  N N 128 
SER HA   H  N N 129 
SER HB2  H  N N 130 
SER HB3  H  N N 131 
SER HG   H  N N 132 
SER HXT  H  N N 133 
THR N    N  N N 134 
THR CA   C  N S 135 
THR C    C  N N 136 
THR O    O  N N 137 
THR CB   C  N R 138 
THR OG1  O  N N 139 
THR CG2  C  N N 140 
THR OXT  O  N N 141 
THR H    H  N N 142 
THR H2   H  N N 143 
THR HA   H  N N 144 
THR HB   H  N N 145 
THR HG1  H  N N 146 
THR HG21 H  N N 147 
THR HG22 H  N N 148 
THR HG23 H  N N 149 
THR HXT  H  N N 150 
# 
loop_
_chem_comp_bond.comp_id 
_chem_comp_bond.atom_id_1 
_chem_comp_bond.atom_id_2 
_chem_comp_bond.value_order 
_chem_comp_bond.pdbx_aromatic_flag 
_chem_comp_bond.pdbx_stereo_config 
_chem_comp_bond.pdbx_ordinal 
ALA N   CA   sing N N 1   
ALA N   H    sing N N 2   
ALA N   H2   sing N N 3   
ALA CA  C    sing N N 4   
ALA CA  CB   sing N N 5   
ALA CA  HA   sing N N 6   
ALA C   O    doub N N 7   
ALA C   OXT  sing N N 8   
ALA CB  HB1  sing N N 9   
ALA CB  HB2  sing N N 10  
ALA CB  HB3  sing N N 11  
ALA OXT HXT  sing N N 12  
CYS N   CA   sing N N 13  
CYS N   H    sing N N 14  
CYS N   H2   sing N N 15  
CYS CA  C    sing N N 16  
CYS CA  CB   sing N N 17  
CYS CA  HA   sing N N 18  
CYS C   O    doub N N 19  
CYS C   OXT  sing N N 20  
CYS CB  SG   sing N N 21  
CYS CB  HB2  sing N N 22  
CYS CB  HB3  sing N N 23  
CYS SG  HG   sing N N 24  
CYS OXT HXT  sing N N 25  
GLN N   CA   sing N N 26  
GLN N   H    sing N N 27  
GLN N   H2   sing N N 28  
GLN CA  C    sing N N 29  
GLN CA  CB   sing N N 30  
GLN CA  HA   sing N N 31  
GLN C   O    doub N N 32  
GLN C   OXT  sing N N 33  
GLN CB  CG   sing N N 34  
GLN CB  HB2  sing N N 35  
GLN CB  HB3  sing N N 36  
GLN CG  CD   sing N N 37  
GLN CG  HG2  sing N N 38  
GLN CG  HG3  sing N N 39  
GLN CD  OE1  doub N N 40  
GLN CD  NE2  sing N N 41  
GLN NE2 HE21 sing N N 42  
GLN NE2 HE22 sing N N 43  
GLN OXT HXT  sing N N 44  
GLU N   CA   sing N N 45  
GLU N   H    sing N N 46  
GLU N   H2   sing N N 47  
GLU CA  C    sing N N 48  
GLU CA  CB   sing N N 49  
GLU CA  HA   sing N N 50  
GLU C   O    doub N N 51  
GLU C   OXT  sing N N 52  
GLU CB  CG   sing N N 53  
GLU CB  HB2  sing N N 54  
GLU CB  HB3  sing N N 55  
GLU CG  CD   sing N N 56  
GLU CG  HG2  sing N N 57  
GLU CG  HG3  sing N N 58  
GLU CD  OE1  doub N N 59  
GLU CD  OE2  sing N N 60  
GLU OE2 HE2  sing N N 61  
GLU OXT HXT  sing N N 62  
GLY N   CA   sing N N 63  
GLY N   H    sing N N 64  
GLY N   H2   sing N N 65  
GLY CA  C    sing N N 66  
GLY CA  HA2  sing N N 67  
GLY CA  HA3  sing N N 68  
GLY C   O    doub N N 69  
GLY C   OXT  sing N N 70  
GLY OXT HXT  sing N N 71  
LYS N   CA   sing N N 72  
LYS N   H    sing N N 73  
LYS N   H2   sing N N 74  
LYS CA  C    sing N N 75  
LYS CA  CB   sing N N 76  
LYS CA  HA   sing N N 77  
LYS C   O    doub N N 78  
LYS C   OXT  sing N N 79  
LYS CB  CG   sing N N 80  
LYS CB  HB2  sing N N 81  
LYS CB  HB3  sing N N 82  
LYS CG  CD   sing N N 83  
LYS CG  HG2  sing N N 84  
LYS CG  HG3  sing N N 85  
LYS CD  CE   sing N N 86  
LYS CD  HD2  sing N N 87  
LYS CD  HD3  sing N N 88  
LYS CE  NZ   sing N N 89  
LYS CE  HE2  sing N N 90  
LYS CE  HE3  sing N N 91  
LYS NZ  HZ1  sing N N 92  
LYS NZ  HZ2  sing N N 93  
LYS NZ  HZ3  sing N N 94  
LYS OXT HXT  sing N N 95  
PRO N   CA   sing N N 96  
PRO N   CD   sing N N 97  
PRO N   H    sing N N 98  
PRO CA  C    sing N N 99  
PRO CA  CB   sing N N 100 
PRO CA  HA   sing N N 101 
PRO C   O    doub N N 102 
PRO C   OXT  sing N N 103 
PRO CB  CG   sing N N 104 
PRO CB  HB2  sing N N 105 
PRO CB  HB3  sing N N 106 
PRO CG  CD   sing N N 107 
PRO CG  HG2  sing N N 108 
PRO CG  HG3  sing N N 109 
PRO CD  HD2  sing N N 110 
PRO CD  HD3  sing N N 111 
PRO OXT HXT  sing N N 112 
SER N   CA   sing N N 113 
SER N   H    sing N N 114 
SER N   H2   sing N N 115 
SER CA  C    sing N N 116 
SER CA  CB   sing N N 117 
SER CA  HA   sing N N 118 
SER C   O    doub N N 119 
SER C   OXT  sing N N 120 
SER CB  OG   sing N N 121 
SER CB  HB2  sing N N 122 
SER CB  HB3  sing N N 123 
SER OG  HG   sing N N 124 
SER OXT HXT  sing N N 125 
THR N   CA   sing N N 126 
THR N   H    sing N N 127 
THR N   H2   sing N N 128 
THR CA  C    sing N N 129 
THR CA  CB   sing N N 130 
THR CA  HA   sing N N 131 
THR C   O    doub N N 132 
THR C   OXT  sing N N 133 
THR CB  OG1  sing N N 134 
THR CB  CG2  sing N N 135 
THR CB  HB   sing N N 136 
THR OG1 HG1  sing N N 137 
THR CG2 HG21 sing N N 138 
THR CG2 HG22 sing N N 139 
THR CG2 HG23 sing N N 140 
THR OXT HXT  sing N N 141 
# 
_atom_sites.entry_id                    1DMC 
_atom_sites.fract_transf_matrix[1][1]   1.000000 
_atom_sites.fract_transf_matrix[1][2]   0.000000 
_atom_sites.fract_transf_matrix[1][3]   0.000000 
_atom_sites.fract_transf_matrix[2][1]   0.000000 
_atom_sites.fract_transf_matrix[2][2]   1.000000 
_atom_sites.fract_transf_matrix[2][3]   0.000000 
_atom_sites.fract_transf_matrix[3][1]   0.000000 
_atom_sites.fract_transf_matrix[3][2]   0.000000 
_atom_sites.fract_transf_matrix[3][3]   1.000000 
_atom_sites.fract_transf_vector[1]      0.00000 
_atom_sites.fract_transf_vector[2]      0.00000 
_atom_sites.fract_transf_vector[3]      0.00000 
# 
loop_
_atom_type.symbol 
C  
CD 
H  
N  
O  
S  
# 
loop_
_atom_site.group_PDB 
_atom_site.id 
_atom_site.type_symbol 
_atom_site.label_atom_id 
_atom_site.label_alt_id 
_atom_site.label_comp_id 
_atom_site.label_asym_id 
_atom_site.label_entity_id 
_atom_site.label_seq_id 
_atom_site.pdbx_PDB_ins_code 
_atom_site.Cartn_x 
_atom_site.Cartn_y 
_atom_site.Cartn_z 
_atom_site.occupancy 
_atom_site.B_iso_or_equiv 
_atom_site.pdbx_formal_charge 
_atom_site.auth_seq_id 
_atom_site.auth_comp_id 
_atom_site.auth_asym_id 
_atom_site.auth_atom_id 
_atom_site.pdbx_PDB_model_num 
ATOM   1   N  N    . SER A 1 1  ? 8.982   0.257   2.547   1.00 0.00 ? 1   SER A N    1 
ATOM   2   C  CA   . SER A 1 1  ? 8.550   -0.464  3.779   1.00 0.00 ? 1   SER A CA   1 
ATOM   3   C  C    . SER A 1 1  ? 7.059   -0.218  4.021   1.00 0.00 ? 1   SER A C    1 
ATOM   4   O  O    . SER A 1 1  ? 6.625   0.906   4.184   1.00 0.00 ? 1   SER A O    1 
ATOM   5   C  CB   . SER A 1 1  ? 9.364   0.031   4.976   1.00 0.00 ? 1   SER A CB   1 
ATOM   6   O  OG   . SER A 1 1  ? 10.514  -0.792  5.128   1.00 0.00 ? 1   SER A OG   1 
ATOM   7   H  H1   . SER A 1 1  ? 8.146   0.495   1.975   1.00 0.00 ? 1   SER A H1   1 
ATOM   8   H  H2   . SER A 1 1  ? 9.481   1.131   2.812   1.00 0.00 ? 1   SER A H2   1 
ATOM   9   H  H3   . SER A 1 1  ? 9.619   -0.350  1.996   1.00 0.00 ? 1   SER A H3   1 
ATOM   10  H  HA   . SER A 1 1  ? 8.712   -1.530  3.649   1.00 0.00 ? 1   SER A HA   1 
ATOM   11  H  HB2  . SER A 1 1  ? 9.675   1.050   4.808   1.00 0.00 ? 1   SER A HB2  1 
ATOM   12  H  HB3  . SER A 1 1  ? 8.754   -0.014  5.870   1.00 0.00 ? 1   SER A HB3  1 
ATOM   13  H  HG   . SER A 1 1  ? 11.176  -0.291  5.611   1.00 0.00 ? 1   SER A HG   1 
ATOM   14  N  N    . PRO A 1 2  ? 6.324   -1.300  4.025   1.00 0.00 ? 2   PRO A N    1 
ATOM   15  C  CA   . PRO A 1 2  ? 4.873   -1.298  4.229   1.00 0.00 ? 2   PRO A CA   1 
ATOM   16  C  C    . PRO A 1 2  ? 4.449   -1.004  5.648   1.00 0.00 ? 2   PRO A C    1 
ATOM   17  O  O    . PRO A 1 2  ? 5.089   -1.352  6.620   1.00 0.00 ? 2   PRO A O    1 
ATOM   18  C  CB   . PRO A 1 2  ? 4.426   -2.643  3.683   1.00 0.00 ? 2   PRO A CB   1 
ATOM   19  C  CG   . PRO A 1 2  ? 5.684   -3.539  3.606   1.00 0.00 ? 2   PRO A CG   1 
ATOM   20  C  CD   . PRO A 1 2  ? 6.890   -2.643  3.823   1.00 0.00 ? 2   PRO A CD   1 
ATOM   21  H  HA   . PRO A 1 2  ? 4.442   -0.545  3.623   1.00 0.00 ? 2   PRO A HA   1 
ATOM   22  H  HB2  . PRO A 1 2  ? 3.690   -3.084  4.342   1.00 0.00 ? 2   PRO A HB2  1 
ATOM   23  H  HB3  . PRO A 1 2  ? 4.015   -2.508  2.708   1.00 0.00 ? 2   PRO A HB3  1 
ATOM   24  H  HG2  . PRO A 1 2  ? 5.660   -4.298  4.354   1.00 0.00 ? 2   PRO A HG2  1 
ATOM   25  H  HG3  . PRO A 1 2  ? 5.759   -3.976  2.618   1.00 0.00 ? 2   PRO A HG3  1 
ATOM   26  H  HD2  . PRO A 1 2  ? 7.445   -2.959  4.695   1.00 0.00 ? 2   PRO A HD2  1 
ATOM   27  H  HD3  . PRO A 1 2  ? 7.519   -2.653  2.948   1.00 0.00 ? 2   PRO A HD3  1 
ATOM   28  N  N    . CYS A 1 3  ? 3.370   -0.278  5.723   1.00 0.00 ? 3   CYS A N    1 
ATOM   29  C  CA   . CYS A 1 3  ? 2.831   0.184   7.014   1.00 0.00 ? 3   CYS A CA   1 
ATOM   30  C  C    . CYS A 1 3  ? 2.319   -0.974  7.871   1.00 0.00 ? 3   CYS A C    1 
ATOM   31  O  O    . CYS A 1 3  ? 2.623   -2.128  7.641   1.00 0.00 ? 3   CYS A O    1 
ATOM   32  C  CB   . CYS A 1 3  ? 1.719   1.203   6.737   1.00 0.00 ? 3   CYS A CB   1 
ATOM   33  S  SG   . CYS A 1 3  ? 0.546   0.579   5.494   1.00 0.00 ? 3   CYS A SG   1 
ATOM   34  H  H    . CYS A 1 3  ? 2.931   0.003   4.893   1.00 0.00 ? 3   CYS A H    1 
ATOM   35  H  HA   . CYS A 1 3  ? 3.621   0.683   7.555   1.00 0.00 ? 3   CYS A HA   1 
ATOM   36  H  HB2  . CYS A 1 3  ? 1.184   1.399   7.652   1.00 0.00 ? 3   CYS A HB2  1 
ATOM   37  H  HB3  . CYS A 1 3  ? 2.157   2.115   6.394   1.00 0.00 ? 3   CYS A HB3  1 
ATOM   38  N  N    . GLN A 1 4  ? 1.582   -0.647  8.895   1.00 0.00 ? 4   GLN A N    1 
ATOM   39  C  CA   . GLN A 1 4  ? 1.070   -1.677  9.843   1.00 0.00 ? 4   GLN A CA   1 
ATOM   40  C  C    . GLN A 1 4  ? -0.220  -2.332  9.322   1.00 0.00 ? 4   GLN A C    1 
ATOM   41  O  O    . GLN A 1 4  ? -0.978  -2.914  10.071  1.00 0.00 ? 4   GLN A O    1 
ATOM   42  C  CB   . GLN A 1 4  ? 0.798   -0.981  11.178  1.00 0.00 ? 4   GLN A CB   1 
ATOM   43  C  CG   . GLN A 1 4  ? 0.112   -1.946  12.129  1.00 0.00 ? 4   GLN A CG   1 
ATOM   44  C  CD   . GLN A 1 4  ? 0.378   -1.521  13.573  1.00 0.00 ? 4   GLN A CD   1 
ATOM   45  O  OE1  . GLN A 1 4  ? -0.542  -1.244  14.317  1.00 0.00 ? 4   GLN A OE1  1 
ATOM   46  N  NE2  . GLN A 1 4  ? 1.608   -1.458  14.005  1.00 0.00 ? 4   GLN A NE2  1 
ATOM   47  H  H    . GLN A 1 4  ? 1.391   0.296   9.066   1.00 0.00 ? 4   GLN A H    1 
ATOM   48  H  HA   . GLN A 1 4  ? 1.823   -2.436  9.987   1.00 0.00 ? 4   GLN A HA   1 
ATOM   49  H  HB2  . GLN A 1 4  ? 1.733   -0.654  11.608  1.00 0.00 ? 4   GLN A HB2  1 
ATOM   50  H  HB3  . GLN A 1 4  ? 0.159   -0.126  11.012  1.00 0.00 ? 4   GLN A HB3  1 
ATOM   51  H  HG2  . GLN A 1 4  ? -0.950  -1.934  11.937  1.00 0.00 ? 4   GLN A HG2  1 
ATOM   52  H  HG3  . GLN A 1 4  ? 0.499   -2.939  11.968  1.00 0.00 ? 4   GLN A HG3  1 
ATOM   53  H  HE21 . GLN A 1 4  ? 2.350   -1.683  13.405  1.00 0.00 ? 4   GLN A HE21 1 
ATOM   54  H  HE22 . GLN A 1 4  ? 1.790   -1.185  14.928  1.00 0.00 ? 4   GLN A HE22 1 
ATOM   55  N  N    . LYS A 1 5  ? -0.482  -2.252  8.051   1.00 0.00 ? 5   LYS A N    1 
ATOM   56  C  CA   . LYS A 1 5  ? -1.728  -2.880  7.514   1.00 0.00 ? 5   LYS A CA   1 
ATOM   57  C  C    . LYS A 1 5  ? -1.493  -3.346  6.081   1.00 0.00 ? 5   LYS A C    1 
ATOM   58  O  O    . LYS A 1 5  ? -2.415  -3.623  5.338   1.00 0.00 ? 5   LYS A O    1 
ATOM   59  C  CB   . LYS A 1 5  ? -2.832  -1.840  7.506   1.00 0.00 ? 5   LYS A CB   1 
ATOM   60  C  CG   . LYS A 1 5  ? -3.528  -1.814  8.870   1.00 0.00 ? 5   LYS A CG   1 
ATOM   61  C  CD   . LYS A 1 5  ? -5.043  -1.923  8.680   1.00 0.00 ? 5   LYS A CD   1 
ATOM   62  C  CE   . LYS A 1 5  ? -5.702  -2.262  10.020  1.00 0.00 ? 5   LYS A CE   1 
ATOM   63  N  NZ   . LYS A 1 5  ? -4.952  -1.598  11.122  1.00 0.00 ? 5   LYS A NZ   1 
ATOM   64  H  H    . LYS A 1 5  ? 0.134   -1.780  7.451   1.00 0.00 ? 5   LYS A H    1 
ATOM   65  H  HA   . LYS A 1 5  ? -2.018  -3.716  8.132   1.00 0.00 ? 5   LYS A HA   1 
ATOM   66  H  HB2  . LYS A 1 5  ? -2.396  -0.873  7.299   1.00 0.00 ? 5   LYS A HB2  1 
ATOM   67  H  HB3  . LYS A 1 5  ? -3.544  -2.088  6.736   1.00 0.00 ? 5   LYS A HB3  1 
ATOM   68  H  HG2  . LYS A 1 5  ? -3.179  -2.645  9.466   1.00 0.00 ? 5   LYS A HG2  1 
ATOM   69  H  HG3  . LYS A 1 5  ? -3.296  -0.888  9.373   1.00 0.00 ? 5   LYS A HG3  1 
ATOM   70  H  HD2  . LYS A 1 5  ? -5.429  -0.981  8.316   1.00 0.00 ? 5   LYS A HD2  1 
ATOM   71  H  HD3  . LYS A 1 5  ? -5.262  -2.703  7.966   1.00 0.00 ? 5   LYS A HD3  1 
ATOM   72  H  HE2  . LYS A 1 5  ? -6.724  -1.911  10.017  1.00 0.00 ? 5   LYS A HE2  1 
ATOM   73  H  HE3  . LYS A 1 5  ? -5.689  -3.331  10.168  1.00 0.00 ? 5   LYS A HE3  1 
ATOM   74  H  HZ1  . LYS A 1 5  ? -4.708  -0.628  10.842  1.00 0.00 ? 5   LYS A HZ1  1 
ATOM   75  H  HZ2  . LYS A 1 5  ? -5.543  -1.570  11.977  1.00 0.00 ? 5   LYS A HZ2  1 
ATOM   76  H  HZ3  . LYS A 1 5  ? -4.080  -2.132  11.320  1.00 0.00 ? 5   LYS A HZ3  1 
ATOM   77  N  N    . CYS A 1 6  ? -0.266  -3.389  5.686   1.00 0.00 ? 6   CYS A N    1 
ATOM   78  C  CA   . CYS A 1 6  ? 0.080   -3.778  4.301   1.00 0.00 ? 6   CYS A CA   1 
ATOM   79  C  C    . CYS A 1 6  ? 0.816   -5.114  4.278   1.00 0.00 ? 6   CYS A C    1 
ATOM   80  O  O    . CYS A 1 6  ? 0.886   -5.776  3.260   1.00 0.00 ? 6   CYS A O    1 
ATOM   81  C  CB   . CYS A 1 6  ? 1.014   -2.706  3.780   1.00 0.00 ? 6   CYS A CB   1 
ATOM   82  S  SG   . CYS A 1 6  ? 0.177   -1.738  2.526   1.00 0.00 ? 6   CYS A SG   1 
ATOM   83  H  H    . CYS A 1 6  ? 0.438   -3.122  6.295   1.00 0.00 ? 6   CYS A H    1 
ATOM   84  H  HA   . CYS A 1 6  ? -0.810  -3.821  3.683   1.00 0.00 ? 6   CYS A HA   1 
ATOM   85  H  HB2  . CYS A 1 6  ? 1.296   -2.057  4.597   1.00 0.00 ? 6   CYS A HB2  1 
ATOM   86  H  HB3  . CYS A 1 6  ? 1.900   -3.153  3.372   1.00 0.00 ? 6   CYS A HB3  1 
ATOM   87  N  N    . THR A 1 7  ? 1.398   -5.504  5.375   1.00 0.00 ? 7   THR A N    1 
ATOM   88  C  CA   . THR A 1 7  ? 2.161   -6.783  5.381   1.00 0.00 ? 7   THR A CA   1 
ATOM   89  C  C    . THR A 1 7  ? 1.321   -7.888  4.776   1.00 0.00 ? 7   THR A C    1 
ATOM   90  O  O    . THR A 1 7  ? 1.353   -8.119  3.584   1.00 0.00 ? 7   THR A O    1 
ATOM   91  C  CB   . THR A 1 7  ? 2.563   -7.147  6.812   1.00 0.00 ? 7   THR A CB   1 
ATOM   92  O  OG1  . THR A 1 7  ? 3.535   -6.222  7.276   1.00 0.00 ? 7   THR A OG1  1 
ATOM   93  C  CG2  . THR A 1 7  ? 3.146   -8.560  6.835   1.00 0.00 ? 7   THR A CG2  1 
ATOM   94  H  H    . THR A 1 7  ? 1.356   -4.947  6.182   1.00 0.00 ? 7   THR A H    1 
ATOM   95  H  HA   . THR A 1 7  ? 3.027   -6.663  4.779   1.00 0.00 ? 7   THR A HA   1 
ATOM   96  H  HB   . THR A 1 7  ? 1.694   -7.110  7.451   1.00 0.00 ? 7   THR A HB   1 
ATOM   97  H  HG1  . THR A 1 7  ? 4.195   -6.112  6.588   1.00 0.00 ? 7   THR A HG1  1 
ATOM   98  H  HG21 . THR A 1 7  ? 3.359   -8.879  5.825   1.00 0.00 ? 7   THR A HG21 1 
ATOM   99  H  HG22 . THR A 1 7  ? 4.059   -8.564  7.413   1.00 0.00 ? 7   THR A HG22 1 
ATOM   100 H  HG23 . THR A 1 7  ? 2.434   -9.236  7.282   1.00 0.00 ? 7   THR A HG23 1 
ATOM   101 N  N    . SER A 1 8  ? 0.551   -8.560  5.565   1.00 0.00 ? 8   SER A N    1 
ATOM   102 C  CA   . SER A 1 8  ? -0.299  -9.623  4.994   1.00 0.00 ? 8   SER A CA   1 
ATOM   103 C  C    . SER A 1 8  ? -1.614  -8.977  4.587   1.00 0.00 ? 8   SER A C    1 
ATOM   104 O  O    . SER A 1 8  ? -2.651  -9.610  4.573   1.00 0.00 ? 8   SER A O    1 
ATOM   105 C  CB   . SER A 1 8  ? -0.552  -10.706 6.045   1.00 0.00 ? 8   SER A CB   1 
ATOM   106 O  OG   . SER A 1 8  ? -0.757  -11.953 5.396   1.00 0.00 ? 8   SER A OG   1 
ATOM   107 H  H    . SER A 1 8  ? 0.517   -8.354  6.523   1.00 0.00 ? 8   SER A H    1 
ATOM   108 H  HA   . SER A 1 8  ? 0.184   -10.054 4.129   1.00 0.00 ? 8   SER A HA   1 
ATOM   109 H  HB2  . SER A 1 8  ? 0.300   -10.781 6.700   1.00 0.00 ? 8   SER A HB2  1 
ATOM   110 H  HB3  . SER A 1 8  ? -1.428  -10.444 6.627   1.00 0.00 ? 8   SER A HB3  1 
ATOM   111 H  HG   . SER A 1 8  ? -1.170  -11.781 4.547   1.00 0.00 ? 8   SER A HG   1 
ATOM   112 N  N    . GLY A 1 9  ? -1.590  -7.701  4.270   1.00 0.00 ? 9   GLY A N    1 
ATOM   113 C  CA   . GLY A 1 9  ? -2.871  -7.041  3.891   1.00 0.00 ? 9   GLY A CA   1 
ATOM   114 C  C    . GLY A 1 9  ? -2.663  -5.884  2.905   1.00 0.00 ? 9   GLY A C    1 
ATOM   115 O  O    . GLY A 1 9  ? -3.247  -4.831  3.066   1.00 0.00 ? 9   GLY A O    1 
ATOM   116 H  H    . GLY A 1 9  ? -0.739  -7.186  4.299   1.00 0.00 ? 9   GLY A H    1 
ATOM   117 H  HA2  . GLY A 1 9  ? -3.521  -7.774  3.437   1.00 0.00 ? 9   GLY A HA2  1 
ATOM   118 H  HA3  . GLY A 1 9  ? -3.346  -6.659  4.784   1.00 0.00 ? 9   GLY A HA3  1 
ATOM   119 N  N    . CYS A 1 10 ? -1.884  -6.055  1.867   1.00 0.00 ? 10  CYS A N    1 
ATOM   120 C  CA   . CYS A 1 10 ? -1.737  -4.930  0.896   1.00 0.00 ? 10  CYS A CA   1 
ATOM   121 C  C    . CYS A 1 10 ? -3.063  -4.794  0.158   1.00 0.00 ? 10  CYS A C    1 
ATOM   122 O  O    . CYS A 1 10 ? -3.296  -5.429  -0.851  1.00 0.00 ? 10  CYS A O    1 
ATOM   123 C  CB   . CYS A 1 10 ? -0.618  -5.205  -0.113  1.00 0.00 ? 10  CYS A CB   1 
ATOM   124 S  SG   . CYS A 1 10 ? -0.301  -3.693  -1.068  1.00 0.00 ? 10  CYS A SG   1 
ATOM   125 H  H    . CYS A 1 10 ? -1.436  -6.913  1.713   1.00 0.00 ? 10  CYS A H    1 
ATOM   126 H  HA   . CYS A 1 10 ? -1.530  -4.015  1.434   1.00 0.00 ? 10  CYS A HA   1 
ATOM   127 H  HB2  . CYS A 1 10 ? 0.279   -5.496  0.413   1.00 0.00 ? 10  CYS A HB2  1 
ATOM   128 H  HB3  . CYS A 1 10 ? -0.919  -5.997  -0.781  1.00 0.00 ? 10  CYS A HB3  1 
ATOM   129 N  N    . LYS A 1 11 ? -3.950  -3.998  0.677   1.00 0.00 ? 11  LYS A N    1 
ATOM   130 C  CA   . LYS A 1 11 ? -5.286  -3.847  0.031   1.00 0.00 ? 11  LYS A CA   1 
ATOM   131 C  C    . LYS A 1 11 ? -5.227  -2.828  -1.105  1.00 0.00 ? 11  LYS A C    1 
ATOM   132 O  O    . LYS A 1 11 ? -6.241  -2.454  -1.659  1.00 0.00 ? 11  LYS A O    1 
ATOM   133 C  CB   . LYS A 1 11 ? -6.302  -3.382  1.075   1.00 0.00 ? 11  LYS A CB   1 
ATOM   134 C  CG   . LYS A 1 11 ? -6.475  -4.469  2.136   1.00 0.00 ? 11  LYS A CG   1 
ATOM   135 C  CD   . LYS A 1 11 ? -7.397  -3.960  3.245   1.00 0.00 ? 11  LYS A CD   1 
ATOM   136 C  CE   . LYS A 1 11 ? -8.846  -4.003  2.762   1.00 0.00 ? 11  LYS A CE   1 
ATOM   137 N  NZ   . LYS A 1 11 ? -9.560  -2.779  3.226   1.00 0.00 ? 11  LYS A NZ   1 
ATOM   138 H  H    . LYS A 1 11 ? -3.745  -3.517  1.509   1.00 0.00 ? 11  LYS A H    1 
ATOM   139 H  HA   . LYS A 1 11 ? -5.598  -4.802  -0.364  1.00 0.00 ? 11  LYS A HA   1 
ATOM   140 H  HB2  . LYS A 1 11 ? -5.947  -2.475  1.543   1.00 0.00 ? 11  LYS A HB2  1 
ATOM   141 H  HB3  . LYS A 1 11 ? -7.251  -3.194  0.596   1.00 0.00 ? 11  LYS A HB3  1 
ATOM   142 H  HG2  . LYS A 1 11 ? -6.908  -5.348  1.681   1.00 0.00 ? 11  LYS A HG2  1 
ATOM   143 H  HG3  . LYS A 1 11 ? -5.513  -4.719  2.556   1.00 0.00 ? 11  LYS A HG3  1 
ATOM   144 H  HD2  . LYS A 1 11 ? -7.288  -4.586  4.119   1.00 0.00 ? 11  LYS A HD2  1 
ATOM   145 H  HD3  . LYS A 1 11 ? -7.132  -2.944  3.494   1.00 0.00 ? 11  LYS A HD3  1 
ATOM   146 H  HE2  . LYS A 1 11 ? -8.865  -4.044  1.683   1.00 0.00 ? 11  LYS A HE2  1 
ATOM   147 H  HE3  . LYS A 1 11 ? -9.334  -4.878  3.165   1.00 0.00 ? 11  LYS A HE3  1 
ATOM   148 H  HZ1  . LYS A 1 11 ? -8.880  -2.133  3.679   1.00 0.00 ? 11  LYS A HZ1  1 
ATOM   149 H  HZ2  . LYS A 1 11 ? -9.998  -2.303  2.412   1.00 0.00 ? 11  LYS A HZ2  1 
ATOM   150 H  HZ3  . LYS A 1 11 ? -10.296 -3.044  3.908   1.00 0.00 ? 11  LYS A HZ3  1 
ATOM   151 N  N    . CYS A 1 12 ? -4.062  -2.363  -1.459  1.00 0.00 ? 12  CYS A N    1 
ATOM   152 C  CA   . CYS A 1 12 ? -3.960  -1.378  -2.533  1.00 0.00 ? 12  CYS A CA   1 
ATOM   153 C  C    . CYS A 1 12 ? -3.857  -2.092  -3.878  1.00 0.00 ? 12  CYS A C    1 
ATOM   154 O  O    . CYS A 1 12 ? -2.907  -2.800  -4.148  1.00 0.00 ? 12  CYS A O    1 
ATOM   155 C  CB   . CYS A 1 12 ? -2.704  -0.555  -2.309  1.00 0.00 ? 12  CYS A CB   1 
ATOM   156 S  SG   . CYS A 1 12 ? -2.283  -0.449  -0.554  1.00 0.00 ? 12  CYS A SG   1 
ATOM   157 H  H    . CYS A 1 12 ? -3.248  -2.643  -1.016  1.00 0.00 ? 12  CYS A H    1 
ATOM   158 H  HA   . CYS A 1 12 ? -4.824  -0.734  -2.524  1.00 0.00 ? 12  CYS A HA   1 
ATOM   159 H  HB2  . CYS A 1 12 ? -1.888  -1.000  -2.830  1.00 0.00 ? 12  CYS A HB2  1 
ATOM   160 H  HB3  . CYS A 1 12 ? -2.871  0.411   -2.687  1.00 0.00 ? 12  CYS A HB3  1 
ATOM   161 N  N    . ALA A 1 13 ? -4.812  -1.887  -4.732  1.00 0.00 ? 13  ALA A N    1 
ATOM   162 C  CA   . ALA A 1 13 ? -4.765  -2.523  -6.078  1.00 0.00 ? 13  ALA A CA   1 
ATOM   163 C  C    . ALA A 1 13 ? -4.453  -1.425  -7.089  1.00 0.00 ? 13  ALA A C    1 
ATOM   164 O  O    . ALA A 1 13 ? -3.867  -1.652  -8.128  1.00 0.00 ? 13  ALA A O    1 
ATOM   165 C  CB   . ALA A 1 13 ? -6.116  -3.166  -6.399  1.00 0.00 ? 13  ALA A CB   1 
ATOM   166 H  H    . ALA A 1 13 ? -5.553  -1.291  -4.496  1.00 0.00 ? 13  ALA A H    1 
ATOM   167 H  HA   . ALA A 1 13 ? -3.985  -3.271  -6.100  1.00 0.00 ? 13  ALA A HA   1 
ATOM   168 H  HB1  . ALA A 1 13 ? -6.843  -2.865  -5.659  1.00 0.00 ? 13  ALA A HB1  1 
ATOM   169 H  HB2  . ALA A 1 13 ? -6.444  -2.849  -7.377  1.00 0.00 ? 13  ALA A HB2  1 
ATOM   170 H  HB3  . ALA A 1 13 ? -6.014  -4.242  -6.384  1.00 0.00 ? 13  ALA A HB3  1 
ATOM   171 N  N    . THR A 1 14 ? -4.826  -0.224  -6.756  1.00 0.00 ? 14  THR A N    1 
ATOM   172 C  CA   . THR A 1 14 ? -4.550  0.936   -7.640  1.00 0.00 ? 14  THR A CA   1 
ATOM   173 C  C    . THR A 1 14 ? -4.073  2.077   -6.748  1.00 0.00 ? 14  THR A C    1 
ATOM   174 O  O    . THR A 1 14 ? -4.296  2.060   -5.559  1.00 0.00 ? 14  THR A O    1 
ATOM   175 C  CB   . THR A 1 14 ? -5.831  1.350   -8.369  1.00 0.00 ? 14  THR A CB   1 
ATOM   176 O  OG1  . THR A 1 14 ? -6.378  0.224   -9.040  1.00 0.00 ? 14  THR A OG1  1 
ATOM   177 C  CG2  . THR A 1 14 ? -5.511  2.445   -9.387  1.00 0.00 ? 14  THR A CG2  1 
ATOM   178 H  H    . THR A 1 14 ? -5.277  -0.078  -5.896  1.00 0.00 ? 14  THR A H    1 
ATOM   179 H  HA   . THR A 1 14 ? -3.781  0.681   -8.355  1.00 0.00 ? 14  THR A HA   1 
ATOM   180 H  HB   . THR A 1 14 ? -6.546  1.727   -7.655  1.00 0.00 ? 14  THR A HB   1 
ATOM   181 H  HG1  . THR A 1 14 ? -6.935  -0.250  -8.418  1.00 0.00 ? 14  THR A HG1  1 
ATOM   182 H  HG21 . THR A 1 14 ? -4.487  2.344   -9.716  1.00 0.00 ? 14  THR A HG21 1 
ATOM   183 H  HG22 . THR A 1 14 ? -6.174  2.353   -10.234 1.00 0.00 ? 14  THR A HG22 1 
ATOM   184 H  HG23 . THR A 1 14 ? -5.648  3.413   -8.928  1.00 0.00 ? 14  THR A HG23 1 
ATOM   185 N  N    . LYS A 1 15 ? -3.419  3.063   -7.286  1.00 0.00 ? 15  LYS A N    1 
ATOM   186 C  CA   . LYS A 1 15 ? -2.945  4.179   -6.419  1.00 0.00 ? 15  LYS A CA   1 
ATOM   187 C  C    . LYS A 1 15 ? -4.151  4.936   -5.858  1.00 0.00 ? 15  LYS A C    1 
ATOM   188 O  O    . LYS A 1 15 ? -4.016  5.779   -4.997  1.00 0.00 ? 15  LYS A O    1 
ATOM   189 C  CB   . LYS A 1 15 ? -2.074  5.135   -7.236  1.00 0.00 ? 15  LYS A CB   1 
ATOM   190 C  CG   . LYS A 1 15 ? -1.212  4.335   -8.216  1.00 0.00 ? 15  LYS A CG   1 
ATOM   191 C  CD   . LYS A 1 15 ? -0.094  5.229   -8.758  1.00 0.00 ? 15  LYS A CD   1 
ATOM   192 C  CE   . LYS A 1 15 ? 0.562   4.551   -9.962  1.00 0.00 ? 15  LYS A CE   1 
ATOM   193 N  NZ   . LYS A 1 15 ? 0.130   5.238   -11.212 1.00 0.00 ? 15  LYS A NZ   1 
ATOM   194 H  H    . LYS A 1 15 ? -3.238  3.070   -8.249  1.00 0.00 ? 15  LYS A H    1 
ATOM   195 H  HA   . LYS A 1 15 ? -2.368  3.773   -5.591  1.00 0.00 ? 15  LYS A HA   1 
ATOM   196 H  HB2  . LYS A 1 15 ? -2.707  5.816   -7.785  1.00 0.00 ? 15  LYS A HB2  1 
ATOM   197 H  HB3  . LYS A 1 15 ? -1.433  5.694   -6.571  1.00 0.00 ? 15  LYS A HB3  1 
ATOM   198 H  HG2  . LYS A 1 15 ? -0.781  3.486   -7.706  1.00 0.00 ? 15  LYS A HG2  1 
ATOM   199 H  HG3  . LYS A 1 15 ? -1.824  3.992   -9.037  1.00 0.00 ? 15  LYS A HG3  1 
ATOM   200 H  HD2  . LYS A 1 15 ? -0.509  6.179   -9.060  1.00 0.00 ? 15  LYS A HD2  1 
ATOM   201 H  HD3  . LYS A 1 15 ? 0.647   5.386   -7.989  1.00 0.00 ? 15  LYS A HD3  1 
ATOM   202 H  HE2  . LYS A 1 15 ? 1.636   4.615   -9.869  1.00 0.00 ? 15  LYS A HE2  1 
ATOM   203 H  HE3  . LYS A 1 15 ? 0.263   3.514   -9.999  1.00 0.00 ? 15  LYS A HE3  1 
ATOM   204 H  HZ1  . LYS A 1 15 ? 0.169   6.268   -11.073 1.00 0.00 ? 15  LYS A HZ1  1 
ATOM   205 H  HZ2  . LYS A 1 15 ? 0.765   4.972   -11.991 1.00 0.00 ? 15  LYS A HZ2  1 
ATOM   206 H  HZ3  . LYS A 1 15 ? -0.843  4.954   -11.445 1.00 0.00 ? 15  LYS A HZ3  1 
ATOM   207 N  N    . GLU A 1 16 ? -5.332  4.635   -6.325  1.00 0.00 ? 16  GLU A N    1 
ATOM   208 C  CA   . GLU A 1 16 ? -6.533  5.334   -5.789  1.00 0.00 ? 16  GLU A CA   1 
ATOM   209 C  C    . GLU A 1 16 ? -6.796  4.813   -4.378  1.00 0.00 ? 16  GLU A C    1 
ATOM   210 O  O    . GLU A 1 16 ? -7.314  5.509   -3.527  1.00 0.00 ? 16  GLU A O    1 
ATOM   211 C  CB   . GLU A 1 16 ? -7.741  5.042   -6.678  1.00 0.00 ? 16  GLU A CB   1 
ATOM   212 C  CG   . GLU A 1 16 ? -8.226  6.344   -7.316  1.00 0.00 ? 16  GLU A CG   1 
ATOM   213 C  CD   . GLU A 1 16 ? -7.035  7.085   -7.926  1.00 0.00 ? 16  GLU A CD   1 
ATOM   214 O  OE1  . GLU A 1 16 ? -6.609  6.698   -9.003  1.00 0.00 ? 16  GLU A OE1  1 
ATOM   215 O  OE2  . GLU A 1 16 ? -6.569  8.027   -7.307  1.00 0.00 ? 16  GLU A OE2  1 
ATOM   216 H  H    . GLU A 1 16 ? -5.431  3.945   -7.013  1.00 0.00 ? 16  GLU A H    1 
ATOM   217 H  HA   . GLU A 1 16 ? -6.350  6.398   -5.757  1.00 0.00 ? 16  GLU A HA   1 
ATOM   218 H  HB2  . GLU A 1 16 ? -7.459  4.341   -7.452  1.00 0.00 ? 16  GLU A HB2  1 
ATOM   219 H  HB3  . GLU A 1 16 ? -8.534  4.619   -6.080  1.00 0.00 ? 16  GLU A HB3  1 
ATOM   220 H  HG2  . GLU A 1 16 ? -8.947  6.120   -8.089  1.00 0.00 ? 16  GLU A HG2  1 
ATOM   221 H  HG3  . GLU A 1 16 ? -8.686  6.965   -6.562  1.00 0.00 ? 16  GLU A HG3  1 
ATOM   222 N  N    . GLU A 1 17 ? -6.422  3.589   -4.128  1.00 0.00 ? 17  GLU A N    1 
ATOM   223 C  CA   . GLU A 1 17 ? -6.620  2.996   -2.778  1.00 0.00 ? 17  GLU A CA   1 
ATOM   224 C  C    . GLU A 1 17 ? -5.300  3.086   -2.010  1.00 0.00 ? 17  GLU A C    1 
ATOM   225 O  O    . GLU A 1 17 ? -5.269  3.303   -0.814  1.00 0.00 ? 17  GLU A O    1 
ATOM   226 C  CB   . GLU A 1 17 ? -7.018  1.527   -2.930  1.00 0.00 ? 17  GLU A CB   1 
ATOM   227 C  CG   . GLU A 1 17 ? -8.223  1.418   -3.865  1.00 0.00 ? 17  GLU A CG   1 
ATOM   228 C  CD   . GLU A 1 17 ? -9.457  1.001   -3.061  1.00 0.00 ? 17  GLU A CD   1 
ATOM   229 O  OE1  . GLU A 1 17 ? -9.612  -0.186  -2.825  1.00 0.00 ? 17  GLU A OE1  1 
ATOM   230 O  OE2  . GLU A 1 17 ? -10.223 1.875   -2.693  1.00 0.00 ? 17  GLU A OE2  1 
ATOM   231 H  H    . GLU A 1 17 ? -5.997  3.059   -4.832  1.00 0.00 ? 17  GLU A H    1 
ATOM   232 H  HA   . GLU A 1 17 ? -7.391  3.535   -2.248  1.00 0.00 ? 17  GLU A HA   1 
ATOM   233 H  HB2  . GLU A 1 17 ? -6.189  0.972   -3.347  1.00 0.00 ? 17  GLU A HB2  1 
ATOM   234 H  HB3  . GLU A 1 17 ? -7.274  1.120   -1.965  1.00 0.00 ? 17  GLU A HB3  1 
ATOM   235 H  HG2  . GLU A 1 17 ? -8.403  2.375   -4.333  1.00 0.00 ? 17  GLU A HG2  1 
ATOM   236 H  HG3  . GLU A 1 17 ? -8.023  0.678   -4.624  1.00 0.00 ? 17  GLU A HG3  1 
ATOM   237 N  N    . CYS A 1 18 ? -4.210  2.920   -2.704  1.00 0.00 ? 18  CYS A N    1 
ATOM   238 C  CA   . CYS A 1 18 ? -2.874  2.992   -2.056  1.00 0.00 ? 18  CYS A CA   1 
ATOM   239 C  C    . CYS A 1 18 ? -2.634  4.382   -1.501  1.00 0.00 ? 18  CYS A C    1 
ATOM   240 O  O    . CYS A 1 18 ? -2.098  4.558   -0.434  1.00 0.00 ? 18  CYS A O    1 
ATOM   241 C  CB   . CYS A 1 18 ? -1.802  2.738   -3.086  1.00 0.00 ? 18  CYS A CB   1 
ATOM   242 S  SG   . CYS A 1 18 ? -0.218  2.740   -2.232  1.00 0.00 ? 18  CYS A SG   1 
ATOM   243 H  H    . CYS A 1 18 ? -4.271  2.750   -3.662  1.00 0.00 ? 18  CYS A H    1 
ATOM   244 H  HA   . CYS A 1 18 ? -2.796  2.256   -1.275  1.00 0.00 ? 18  CYS A HA   1 
ATOM   245 H  HB2  . CYS A 1 18 ? -1.974  1.794   -3.562  1.00 0.00 ? 18  CYS A HB2  1 
ATOM   246 H  HB3  . CYS A 1 18 ? -1.815  3.525   -3.825  1.00 0.00 ? 18  CYS A HB3  1 
ATOM   247 N  N    . SER A 1 19 ? -3.009  5.369   -2.244  1.00 0.00 ? 19  SER A N    1 
ATOM   248 C  CA   . SER A 1 19 ? -2.797  6.769   -1.786  1.00 0.00 ? 19  SER A CA   1 
ATOM   249 C  C    . SER A 1 19 ? -3.803  7.087   -0.686  1.00 0.00 ? 19  SER A C    1 
ATOM   250 O  O    . SER A 1 19 ? -3.809  8.164   -0.124  1.00 0.00 ? 19  SER A O    1 
ATOM   251 C  CB   . SER A 1 19 ? -3.006  7.725   -2.957  1.00 0.00 ? 19  SER A CB   1 
ATOM   252 O  OG   . SER A 1 19 ? -2.367  8.962   -2.673  1.00 0.00 ? 19  SER A OG   1 
ATOM   253 H  H    . SER A 1 19 ? -3.425  5.186   -3.110  1.00 0.00 ? 19  SER A H    1 
ATOM   254 H  HA   . SER A 1 19 ? -1.794  6.879   -1.403  1.00 0.00 ? 19  SER A HA   1 
ATOM   255 H  HB2  . SER A 1 19 ? -2.581  7.302   -3.850  1.00 0.00 ? 19  SER A HB2  1 
ATOM   256 H  HB3  . SER A 1 19 ? -4.067  7.882   -3.105  1.00 0.00 ? 19  SER A HB3  1 
ATOM   257 H  HG   . SER A 1 19 ? -1.643  8.789   -2.065  1.00 0.00 ? 19  SER A HG   1 
ATOM   258 N  N    . LYS A 1 20 ? -4.665  6.161   -0.387  1.00 0.00 ? 20  LYS A N    1 
ATOM   259 C  CA   . LYS A 1 20 ? -5.682  6.399   0.650   1.00 0.00 ? 20  LYS A CA   1 
ATOM   260 C  C    . LYS A 1 20 ? -5.213  5.826   1.989   1.00 0.00 ? 20  LYS A C    1 
ATOM   261 O  O    . LYS A 1 20 ? -5.479  6.383   3.035   1.00 0.00 ? 20  LYS A O    1 
ATOM   262 C  CB   . LYS A 1 20 ? -6.970  5.718   0.205   1.00 0.00 ? 20  LYS A CB   1 
ATOM   263 C  CG   . LYS A 1 20 ? -7.996  5.776   1.328   1.00 0.00 ? 20  LYS A CG   1 
ATOM   264 C  CD   . LYS A 1 20 ? -9.066  6.815   0.989   1.00 0.00 ? 20  LYS A CD   1 
ATOM   265 C  CE   . LYS A 1 20 ? -10.359 6.104   0.589   1.00 0.00 ? 20  LYS A CE   1 
ATOM   266 N  NZ   . LYS A 1 20 ? -11.520 6.999   0.859   1.00 0.00 ? 20  LYS A NZ   1 
ATOM   267 H  H    . LYS A 1 20 ? -4.658  5.309   -0.859  1.00 0.00 ? 20  LYS A H    1 
ATOM   268 H  HA   . LYS A 1 20 ? -5.847  7.454   0.755   1.00 0.00 ? 20  LYS A HA   1 
ATOM   269 H  HB2  . LYS A 1 20 ? -7.355  6.224   -0.670  1.00 0.00 ? 20  LYS A HB2  1 
ATOM   270 H  HB3  . LYS A 1 20 ? -6.761  4.686   -0.042  1.00 0.00 ? 20  LYS A HB3  1 
ATOM   271 H  HG2  . LYS A 1 20 ? -8.453  4.805   1.440   1.00 0.00 ? 20  LYS A HG2  1 
ATOM   272 H  HG3  . LYS A 1 20 ? -7.505  6.053   2.246   1.00 0.00 ? 20  LYS A HG3  1 
ATOM   273 H  HD2  . LYS A 1 20 ? -9.249  7.439   1.852   1.00 0.00 ? 20  LYS A HD2  1 
ATOM   274 H  HD3  . LYS A 1 20 ? -8.726  7.426   0.167   1.00 0.00 ? 20  LYS A HD3  1 
ATOM   275 H  HE2  . LYS A 1 20 ? -10.327 5.862   -0.463  1.00 0.00 ? 20  LYS A HE2  1 
ATOM   276 H  HE3  . LYS A 1 20 ? -10.464 5.196   1.165   1.00 0.00 ? 20  LYS A HE3  1 
ATOM   277 H  HZ1  . LYS A 1 20 ? -11.297 7.962   0.538   1.00 0.00 ? 20  LYS A HZ1  1 
ATOM   278 H  HZ2  . LYS A 1 20 ? -12.354 6.650   0.347   1.00 0.00 ? 20  LYS A HZ2  1 
ATOM   279 H  HZ3  . LYS A 1 20 ? -11.718 7.010   1.881   1.00 0.00 ? 20  LYS A HZ3  1 
ATOM   280 N  N    . THR A 1 21 ? -4.522  4.721   1.975   1.00 0.00 ? 21  THR A N    1 
ATOM   281 C  CA   . THR A 1 21 ? -4.055  4.139   3.262   1.00 0.00 ? 21  THR A CA   1 
ATOM   282 C  C    . THR A 1 21 ? -2.580  4.447   3.460   1.00 0.00 ? 21  THR A C    1 
ATOM   283 O  O    . THR A 1 21 ? -2.072  4.471   4.563   1.00 0.00 ? 21  THR A O    1 
ATOM   284 C  CB   . THR A 1 21 ? -4.277  2.625   3.256   1.00 0.00 ? 21  THR A CB   1 
ATOM   285 O  OG1  . THR A 1 21 ? -3.820  2.076   4.484   1.00 0.00 ? 21  THR A OG1  1 
ATOM   286 C  CG2  . THR A 1 21 ? -3.504  1.999   2.095   1.00 0.00 ? 21  THR A CG2  1 
ATOM   287 H  H    . THR A 1 21 ? -4.314  4.278   1.127   1.00 0.00 ? 21  THR A H    1 
ATOM   288 H  HA   . THR A 1 21 ? -4.604  4.579   4.059   1.00 0.00 ? 21  THR A HA   1 
ATOM   289 H  HB   . THR A 1 21 ? -5.329  2.415   3.137   1.00 0.00 ? 21  THR A HB   1 
ATOM   290 H  HG1  . THR A 1 21 ? -3.988  2.719   5.177   1.00 0.00 ? 21  THR A HG1  1 
ATOM   291 H  HG21 . THR A 1 21 ? -3.065  2.781   1.493   1.00 0.00 ? 21  THR A HG21 1 
ATOM   292 H  HG22 . THR A 1 21 ? -2.723  1.364   2.485   1.00 0.00 ? 21  THR A HG22 1 
ATOM   293 H  HG23 . THR A 1 21 ? -4.177  1.412   1.488   1.00 0.00 ? 21  THR A HG23 1 
ATOM   294 N  N    . CYS A 1 22 ? -1.897  4.672   2.390   1.00 0.00 ? 22  CYS A N    1 
ATOM   295 C  CA   . CYS A 1 22 ? -0.451  4.973   2.463   1.00 0.00 ? 22  CYS A CA   1 
ATOM   296 C  C    . CYS A 1 22 ? -0.156  6.312   1.793   1.00 0.00 ? 22  CYS A C    1 
ATOM   297 O  O    . CYS A 1 22 ? -1.044  7.035   1.387   1.00 0.00 ? 22  CYS A O    1 
ATOM   298 C  CB   . CYS A 1 22 ? 0.301   3.911   1.688   1.00 0.00 ? 22  CYS A CB   1 
ATOM   299 S  SG   . CYS A 1 22 ? -0.474  2.299   1.893   1.00 0.00 ? 22  CYS A SG   1 
ATOM   300 H  H    . CYS A 1 22 ? -2.336  4.627   1.531   1.00 0.00 ? 22  CYS A H    1 
ATOM   301 H  HA   . CYS A 1 22 ? -0.119  4.982   3.489   1.00 0.00 ? 22  CYS A HA   1 
ATOM   302 H  HB2  . CYS A 1 22 ? 0.280   4.174   0.644   1.00 0.00 ? 22  CYS A HB2  1 
ATOM   303 H  HB3  . CYS A 1 22 ? 1.309   3.872   2.029   1.00 0.00 ? 22  CYS A HB3  1 
ATOM   304 N  N    . THR A 1 23 ? 1.102   6.623   1.653   1.00 0.00 ? 23  THR A N    1 
ATOM   305 C  CA   . THR A 1 23 ? 1.499   7.891   0.981   1.00 0.00 ? 23  THR A CA   1 
ATOM   306 C  C    . THR A 1 23 ? 2.418   7.567   -0.201  1.00 0.00 ? 23  THR A C    1 
ATOM   307 O  O    . THR A 1 23 ? 2.722   8.409   -1.022  1.00 0.00 ? 23  THR A O    1 
ATOM   308 C  CB   . THR A 1 23 ? 2.243   8.780   1.974   1.00 0.00 ? 23  THR A CB   1 
ATOM   309 O  OG1  . THR A 1 23 ? 1.492   8.878   3.177   1.00 0.00 ? 23  THR A OG1  1 
ATOM   310 C  CG2  . THR A 1 23 ? 2.436   10.175  1.376   1.00 0.00 ? 23  THR A CG2  1 
ATOM   311 H  H    . THR A 1 23 ? 1.791   6.009   1.977   1.00 0.00 ? 23  THR A H    1 
ATOM   312 H  HA   . THR A 1 23 ? 0.626   8.390   0.621   1.00 0.00 ? 23  THR A HA   1 
ATOM   313 H  HB   . THR A 1 23 ? 3.207   8.345   2.185   1.00 0.00 ? 23  THR A HB   1 
ATOM   314 H  HG1  . THR A 1 23 ? 2.075   8.662   3.908   1.00 0.00 ? 23  THR A HG1  1 
ATOM   315 H  HG21 . THR A 1 23 ? 1.515   10.503  0.918   1.00 0.00 ? 23  THR A HG21 1 
ATOM   316 H  HG22 . THR A 1 23 ? 2.715   10.866  2.158   1.00 0.00 ? 23  THR A HG22 1 
ATOM   317 H  HG23 . THR A 1 23 ? 3.216   10.142  0.630   1.00 0.00 ? 23  THR A HG23 1 
ATOM   318 N  N    . LYS A 1 24 ? 2.860   6.349   -0.277  1.00 0.00 ? 24  LYS A N    1 
ATOM   319 C  CA   . LYS A 1 24 ? 3.767   5.926   -1.386  1.00 0.00 ? 24  LYS A CA   1 
ATOM   320 C  C    . LYS A 1 24 ? 3.730   4.392   -1.511  1.00 0.00 ? 24  LYS A C    1 
ATOM   321 O  O    . LYS A 1 24 ? 3.080   3.730   -0.728  1.00 0.00 ? 24  LYS A O    1 
ATOM   322 C  CB   . LYS A 1 24 ? 5.190   6.392   -1.060  1.00 0.00 ? 24  LYS A CB   1 
ATOM   323 C  CG   . LYS A 1 24 ? 5.605   7.502   -2.031  1.00 0.00 ? 24  LYS A CG   1 
ATOM   324 C  CD   . LYS A 1 24 ? 6.637   8.411   -1.358  1.00 0.00 ? 24  LYS A CD   1 
ATOM   325 C  CE   . LYS A 1 24 ? 8.033   8.086   -1.893  1.00 0.00 ? 24  LYS A CE   1 
ATOM   326 N  NZ   . LYS A 1 24 ? 9.052   8.865   -1.132  1.00 0.00 ? 24  LYS A NZ   1 
ATOM   327 H  H    . LYS A 1 24 ? 2.594   5.707   0.401   1.00 0.00 ? 24  LYS A H    1 
ATOM   328 H  HA   . LYS A 1 24 ? 3.441   6.375   -2.313  1.00 0.00 ? 24  LYS A HA   1 
ATOM   329 H  HB2  . LYS A 1 24 ? 5.218   6.774   -0.049  1.00 0.00 ? 24  LYS A HB2  1 
ATOM   330 H  HB3  . LYS A 1 24 ? 5.873   5.562   -1.146  1.00 0.00 ? 24  LYS A HB3  1 
ATOM   331 H  HG2  . LYS A 1 24 ? 6.037   7.063   -2.919  1.00 0.00 ? 24  LYS A HG2  1 
ATOM   332 H  HG3  . LYS A 1 24 ? 4.738   8.084   -2.302  1.00 0.00 ? 24  LYS A HG3  1 
ATOM   333 H  HD2  . LYS A 1 24 ? 6.400   9.444   -1.574  1.00 0.00 ? 24  LYS A HD2  1 
ATOM   334 H  HD3  . LYS A 1 24 ? 6.615   8.253   -0.291  1.00 0.00 ? 24  LYS A HD3  1 
ATOM   335 H  HE2  . LYS A 1 24 ? 8.224   7.030   -1.777  1.00 0.00 ? 24  LYS A HE2  1 
ATOM   336 H  HE3  . LYS A 1 24 ? 8.087   8.349   -2.939  1.00 0.00 ? 24  LYS A HE3  1 
ATOM   337 H  HZ1  . LYS A 1 24 ? 8.888   8.745   -0.110  1.00 0.00 ? 24  LYS A HZ1  1 
ATOM   338 H  HZ2  . LYS A 1 24 ? 10.003  8.521   -1.371  1.00 0.00 ? 24  LYS A HZ2  1 
ATOM   339 H  HZ3  . LYS A 1 24 ? 8.977   9.871   -1.379  1.00 0.00 ? 24  LYS A HZ3  1 
ATOM   340 N  N    . PRO A 1 25 ? 4.443   3.872   -2.484  1.00 0.00 ? 25  PRO A N    1 
ATOM   341 C  CA   . PRO A 1 25 ? 4.525   2.414   -2.729  1.00 0.00 ? 25  PRO A CA   1 
ATOM   342 C  C    . PRO A 1 25 ? 5.391   1.746   -1.691  1.00 0.00 ? 25  PRO A C    1 
ATOM   343 O  O    . PRO A 1 25 ? 6.592   1.623   -1.833  1.00 0.00 ? 25  PRO A O    1 
ATOM   344 C  CB   . PRO A 1 25 ? 5.136   2.312   -4.130  1.00 0.00 ? 25  PRO A CB   1 
ATOM   345 C  CG   . PRO A 1 25 ? 5.869   3.649   -4.383  1.00 0.00 ? 25  PRO A CG   1 
ATOM   346 C  CD   . PRO A 1 25 ? 5.239   4.684   -3.429  1.00 0.00 ? 25  PRO A CD   1 
ATOM   347 H  HA   . PRO A 1 25 ? 3.554   1.938   -2.715  1.00 0.00 ? 25  PRO A HA   1 
ATOM   348 H  HB2  . PRO A 1 25 ? 5.835   1.489   -4.169  1.00 0.00 ? 25  PRO A HB2  1 
ATOM   349 H  HB3  . PRO A 1 25 ? 4.360   2.177   -4.867  1.00 0.00 ? 25  PRO A HB3  1 
ATOM   350 H  HG2  . PRO A 1 25 ? 6.922   3.538   -4.169  1.00 0.00 ? 25  PRO A HG2  1 
ATOM   351 H  HG3  . PRO A 1 25 ? 5.728   3.963   -5.405  1.00 0.00 ? 25  PRO A HG3  1 
ATOM   352 H  HD2  . PRO A 1 25 ? 6.014   5.227   -2.911  1.00 0.00 ? 25  PRO A HD2  1 
ATOM   353 H  HD3  . PRO A 1 25 ? 4.599   5.360   -3.973  1.00 0.00 ? 25  PRO A HD3  1 
ATOM   354 N  N    . CYS A 1 26 ? 4.752   1.289   -0.657  1.00 0.00 ? 26  CYS A N    1 
ATOM   355 C  CA   . CYS A 1 26 ? 5.450   0.565   0.421   1.00 0.00 ? 26  CYS A CA   1 
ATOM   356 C  C    . CYS A 1 26 ? 6.282   -0.537  -0.231  1.00 0.00 ? 26  CYS A C    1 
ATOM   357 O  O    . CYS A 1 26 ? 6.489   -0.548  -1.426  1.00 0.00 ? 26  CYS A O    1 
ATOM   358 C  CB   . CYS A 1 26 ? 4.397   -0.085  1.328   1.00 0.00 ? 26  CYS A CB   1 
ATOM   359 S  SG   . CYS A 1 26 ? 3.542   1.184   2.318   1.00 0.00 ? 26  CYS A SG   1 
ATOM   360 H  H    . CYS A 1 26 ? 3.788   1.410   -0.606  1.00 0.00 ? 26  CYS A H    1 
ATOM   361 H  HA   . CYS A 1 26 ? 6.076   1.236   0.988   1.00 0.00 ? 26  CYS A HA   1 
ATOM   362 H  HB2  . CYS A 1 26 ? 3.680   -0.608  0.720   1.00 0.00 ? 26  CYS A HB2  1 
ATOM   363 H  HB3  . CYS A 1 26 ? 4.888   -0.789  1.970   1.00 0.00 ? 26  CYS A HB3  1 
ATOM   364 N  N    . SER A 1 27 ? 6.728   -1.498  0.509   1.00 0.00 ? 27  SER A N    1 
ATOM   365 C  CA   . SER A 1 27 ? 7.497   -2.582  -0.144  1.00 0.00 ? 27  SER A CA   1 
ATOM   366 C  C    . SER A 1 27 ? 6.517   -3.592  -0.749  1.00 0.00 ? 27  SER A C    1 
ATOM   367 O  O    . SER A 1 27 ? 6.857   -4.742  -0.940  1.00 0.00 ? 27  SER A O    1 
ATOM   368 C  CB   . SER A 1 27 ? 8.388   -3.287  0.879   1.00 0.00 ? 27  SER A CB   1 
ATOM   369 O  OG   . SER A 1 27 ? 7.619   -4.250  1.587   1.00 0.00 ? 27  SER A OG   1 
ATOM   370 H  H    . SER A 1 27 ? 6.537   -1.524  1.470   1.00 0.00 ? 27  SER A H    1 
ATOM   371 H  HA   . SER A 1 27 ? 8.110   -2.163  -0.928  1.00 0.00 ? 27  SER A HA   1 
ATOM   372 H  HB2  . SER A 1 27 ? 9.196   -3.786  0.369   1.00 0.00 ? 27  SER A HB2  1 
ATOM   373 H  HB3  . SER A 1 27 ? 8.794   -2.557  1.566   1.00 0.00 ? 27  SER A HB3  1 
ATOM   374 H  HG   . SER A 1 27 ? 8.026   -4.380  2.446   1.00 0.00 ? 27  SER A HG   1 
ATOM   375 N  N    . CYS A 1 28 ? 5.293   -3.197  -1.044  1.00 0.00 ? 28  CYS A N    1 
ATOM   376 C  CA   . CYS A 1 28 ? 4.342   -4.204  -1.617  1.00 0.00 ? 28  CYS A CA   1 
ATOM   377 C  C    . CYS A 1 28 ? 3.302   -3.557  -2.534  1.00 0.00 ? 28  CYS A C    1 
ATOM   378 O  O    . CYS A 1 28 ? 2.749   -4.211  -3.396  1.00 0.00 ? 28  CYS A O    1 
ATOM   379 C  CB   . CYS A 1 28 ? 3.605   -4.903  -0.481  1.00 0.00 ? 28  CYS A CB   1 
ATOM   380 S  SG   . CYS A 1 28 ? 3.270   -3.705  0.827   1.00 0.00 ? 28  CYS A SG   1 
ATOM   381 H  H    . CYS A 1 28 ? 5.002   -2.261  -0.871  1.00 0.00 ? 28  CYS A H    1 
ATOM   382 H  HA   . CYS A 1 28 ? 4.899   -4.939  -2.176  1.00 0.00 ? 28  CYS A HA   1 
ATOM   383 H  HB2  . CYS A 1 28 ? 2.674   -5.308  -0.848  1.00 0.00 ? 28  CYS A HB2  1 
ATOM   384 H  HB3  . CYS A 1 28 ? 4.218   -5.701  -0.089  1.00 0.00 ? 28  CYS A HB3  1 
ATOM   385 N  N    . CYS A 1 29 ? 3.010   -2.301  -2.368  1.00 0.00 ? 29  CYS A N    1 
ATOM   386 C  CA   . CYS A 1 29 ? 2.010   -1.671  -3.227  1.00 0.00 ? 29  CYS A CA   1 
ATOM   387 C  C    . CYS A 1 29 ? 2.515   -1.735  -4.690  1.00 0.00 ? 29  CYS A C    1 
ATOM   388 O  O    . CYS A 1 29 ? 3.286   -2.619  -5.005  1.00 0.00 ? 29  CYS A O    1 
ATOM   389 C  CB   . CYS A 1 29 ? 1.824   -0.246  -2.745  1.00 0.00 ? 29  CYS A CB   1 
ATOM   390 S  SG   . CYS A 1 29 ? 1.948   -0.091  -0.938  1.00 0.00 ? 29  CYS A SG   1 
ATOM   391 H  H    . CYS A 1 29 ? 3.439   -1.770  -1.685  1.00 0.00 ? 29  CYS A H    1 
ATOM   392 H  HA   . CYS A 1 29 ? 1.074   -2.206  -3.144  1.00 0.00 ? 29  CYS A HA   1 
ATOM   393 H  HB2  . CYS A 1 29 ? 2.549   0.392   -3.223  1.00 0.00 ? 29  CYS A HB2  1 
ATOM   394 H  HB3  . CYS A 1 29 ? 0.852   0.064   -3.032  1.00 0.00 ? 29  CYS A HB3  1 
ATOM   395 N  N    . PRO A 1 30 ? 2.086   -0.835  -5.563  1.00 0.00 ? 30  PRO A N    1 
ATOM   396 C  CA   . PRO A 1 30 ? 2.533   -0.871  -6.973  1.00 0.00 ? 30  PRO A CA   1 
ATOM   397 C  C    . PRO A 1 30 ? 4.006   -0.467  -7.098  1.00 0.00 ? 30  PRO A C    1 
ATOM   398 O  O    . PRO A 1 30 ? 4.654   -0.122  -6.129  1.00 0.00 ? 30  PRO A O    1 
ATOM   399 C  CB   . PRO A 1 30 ? 1.624   0.144   -7.668  1.00 0.00 ? 30  PRO A CB   1 
ATOM   400 C  CG   . PRO A 1 30 ? 1.121   1.086   -6.556  1.00 0.00 ? 30  PRO A CG   1 
ATOM   401 C  CD   . PRO A 1 30 ? 1.155   0.284   -5.270  1.00 0.00 ? 30  PRO A CD   1 
ATOM   402 H  HA   . PRO A 1 30 ? 2.374   -1.850  -7.394  1.00 0.00 ? 30  PRO A HA   1 
ATOM   403 H  HB2  . PRO A 1 30 ? 2.184   0.700   -8.408  1.00 0.00 ? 30  PRO A HB2  1 
ATOM   404 H  HB3  . PRO A 1 30 ? 0.787   -0.357  -8.128  1.00 0.00 ? 30  PRO A HB3  1 
ATOM   405 H  HG2  . PRO A 1 30 ? 1.784   1.936   -6.458  1.00 0.00 ? 30  PRO A HG2  1 
ATOM   406 H  HG3  . PRO A 1 30 ? 0.118   1.409   -6.748  1.00 0.00 ? 30  PRO A HG3  1 
ATOM   407 H  HD2  . PRO A 1 30 ? 1.525   0.918   -4.489  1.00 0.00 ? 30  PRO A HD2  1 
ATOM   408 H  HD3  . PRO A 1 30 ? 0.171   -0.093  -5.025  1.00 0.00 ? 30  PRO A HD3  1 
ATOM   409 N  N    . LYS A 1 31 ? 4.537   -0.517  -8.291  1.00 0.00 ? 31  LYS A N    1 
ATOM   410 C  CA   . LYS A 1 31 ? 5.965   -0.146  -8.496  1.00 0.00 ? 31  LYS A CA   1 
ATOM   411 C  C    . LYS A 1 31 ? 6.092   0.695   -9.769  1.00 0.00 ? 31  LYS A C    1 
ATOM   412 O  O    . LYS A 1 31 ? 6.898   1.611   -9.774  1.00 0.00 ? 31  LYS A O    1 
ATOM   413 C  CB   . LYS A 1 31 ? 6.801   -1.423  -8.637  1.00 0.00 ? 31  LYS A CB   1 
ATOM   414 C  CG   . LYS A 1 31 ? 8.188   -1.078  -9.184  1.00 0.00 ? 31  LYS A CG   1 
ATOM   415 C  CD   . LYS A 1 31 ? 9.190   -2.147  -8.740  1.00 0.00 ? 31  LYS A CD   1 
ATOM   416 C  CE   . LYS A 1 31 ? 9.667   -1.845  -7.317  1.00 0.00 ? 31  LYS A CE   1 
ATOM   417 N  NZ   . LYS A 1 31 ? 10.948  -2.561  -7.058  1.00 0.00 ? 31  LYS A NZ   1 
ATOM   418 O  OXT  . LYS A 1 31 ? 5.380   0.408   -10.718 1.00 0.00 ? 31  LYS A OXT  1 
ATOM   419 H  H    . LYS A 1 31 ? 3.993   -0.804  -9.054  1.00 0.00 ? 31  LYS A H    1 
ATOM   420 H  HA   . LYS A 1 31 ? 6.318   0.424   -7.649  1.00 0.00 ? 31  LYS A HA   1 
ATOM   421 H  HB2  . LYS A 1 31 ? 6.901   -1.894  -7.670  1.00 0.00 ? 31  LYS A HB2  1 
ATOM   422 H  HB3  . LYS A 1 31 ? 6.307   -2.101  -9.317  1.00 0.00 ? 31  LYS A HB3  1 
ATOM   423 H  HG2  . LYS A 1 31 ? 8.151   -1.046  -10.264 1.00 0.00 ? 31  LYS A HG2  1 
ATOM   424 H  HG3  . LYS A 1 31 ? 8.498   -0.117  -8.804  1.00 0.00 ? 31  LYS A HG3  1 
ATOM   425 H  HD2  . LYS A 1 31 ? 8.717   -3.117  -8.763  1.00 0.00 ? 31  LYS A HD2  1 
ATOM   426 H  HD3  . LYS A 1 31 ? 10.039  -2.145  -9.408  1.00 0.00 ? 31  LYS A HD3  1 
ATOM   427 H  HE2  . LYS A 1 31 ? 9.821   -0.780  -7.208  1.00 0.00 ? 31  LYS A HE2  1 
ATOM   428 H  HE3  . LYS A 1 31 ? 8.920   -2.175  -6.609  1.00 0.00 ? 31  LYS A HE3  1 
ATOM   429 H  HZ1  . LYS A 1 31 ? 11.422  -2.760  -7.964  1.00 0.00 ? 31  LYS A HZ1  1 
ATOM   430 H  HZ2  . LYS A 1 31 ? 11.563  -1.968  -6.468  1.00 0.00 ? 31  LYS A HZ2  1 
ATOM   431 H  HZ3  . LYS A 1 31 ? 10.753  -3.454  -6.565  1.00 0.00 ? 31  LYS A HZ3  1 
HETATM 432 CD CD   . CD  B 2 .  ? -0.247  1.045   -0.323  1.00 0.00 ? 101 CD  A CD   1 
HETATM 433 CD CD   . CD  C 2 .  ? 1.270   -2.212  0.288   1.00 0.00 ? 102 CD  A CD   1 
HETATM 434 CD CD   . CD  D 2 .  ? 1.100   0.606   2.951   1.00 0.00 ? 106 CD  A CD   1 
# 
